data_4Q3D
#
_entry.id   4Q3D
#
_cell.length_a   86.930
_cell.length_b   259.320
_cell.length_c   48.820
_cell.angle_alpha   90.00
_cell.angle_beta   90.00
_cell.angle_gamma   90.00
#
_symmetry.space_group_name_H-M   'P 21 21 2'
#
loop_
_entity.id
_entity.type
_entity.pdbx_description
1 polymer 'PYLD, pyrrolysine synthase'
2 non-polymer NICOTINAMIDE-ADENINE-DINUCLEOTIDE
3 non-polymer 'SODIUM ION'
4 non-polymer 'MAGNESIUM ION'
5 non-polymer N~5~-D-ornithyl-L-ornithine
6 non-polymer DI(HYDROXYETHYL)ETHER
7 non-polymer GLYCEROL
8 non-polymer 1,2-ETHANEDIOL
9 water water
#
_entity_poly.entity_id   1
_entity_poly.type   'polypeptide(L)'
_entity_poly.pdbx_seq_one_letter_code
;SMALLTPDDLININMQLQKADSAVQEVTGLDIKGICKALYGTFSSSEKVGIVPVTSGNGIIGNFSASLHAITQYFGFDSF
VTDMPDVSGYYEAVQNGAEIILMADDRTFLAHNLKNGKMANNQPCTGIIYAEIASRYLKADSKDVLVVGLGKVGFPGAEH
LVQKDFRVYGYDADETLLERATSNLGIIPFDPANPKKFSIIFEATPCANTIPEAVLSENCVLSTPGIPCAISEELRDKYE
VQLIAEPLGIGTASMLYSVL
;
_entity_poly.pdbx_strand_id   A,B,C,D
#
loop_
_chem_comp.id
_chem_comp.type
_chem_comp.name
_chem_comp.formula
EDO non-polymer 1,2-ETHANEDIOL 'C2 H6 O2'
GOL non-polymer GLYCEROL 'C3 H8 O3'
MG non-polymer 'MAGNESIUM ION' 'Mg 2'
NA non-polymer 'SODIUM ION' 'Na 1'
NAD non-polymer NICOTINAMIDE-ADENINE-DINUCLEOTIDE 'C21 H27 N7 O14 P2'
PEG non-polymer DI(HYDROXYETHYL)ETHER 'C4 H10 O3'
#
# COMPACT_ATOMS: atom_id res chain seq x y z
N ALA A 3 1.65 8.82 2.28
CA ALA A 3 0.58 8.42 1.29
C ALA A 3 1.19 7.68 0.10
N LEU A 4 0.66 7.90 -1.10
CA LEU A 4 1.14 7.23 -2.30
C LEU A 4 1.85 8.21 -3.23
N LEU A 5 2.73 7.65 -4.06
CA LEU A 5 3.36 8.41 -5.12
C LEU A 5 2.31 9.02 -6.05
N THR A 6 2.56 10.24 -6.54
CA THR A 6 1.73 10.85 -7.58
C THR A 6 2.49 10.85 -8.89
N PRO A 7 1.80 11.06 -10.02
CA PRO A 7 2.51 11.22 -11.29
C PRO A 7 3.57 12.32 -11.24
N ASP A 8 3.26 13.43 -10.59
CA ASP A 8 4.17 14.59 -10.47
C ASP A 8 5.49 14.27 -9.78
N ASP A 9 5.47 13.33 -8.84
CA ASP A 9 6.70 12.88 -8.17
C ASP A 9 7.66 12.22 -9.15
N LEU A 10 7.13 11.63 -10.21
CA LEU A 10 7.90 10.80 -11.12
C LEU A 10 8.20 11.46 -12.46
N ILE A 11 7.98 12.77 -12.56
CA ILE A 11 8.33 13.53 -13.76
C ILE A 11 9.85 13.48 -13.96
N ASN A 12 10.26 13.29 -15.22
CA ASN A 12 11.67 13.22 -15.61
C ASN A 12 12.50 12.33 -14.69
N ILE A 13 12.04 11.08 -14.54
CA ILE A 13 12.68 10.10 -13.67
C ILE A 13 14.15 9.86 -14.06
N ASN A 14 14.47 9.93 -15.35
CA ASN A 14 15.86 9.74 -15.79
C ASN A 14 16.80 10.81 -15.23
N MET A 15 16.39 12.07 -15.25
CA MET A 15 17.20 13.15 -14.68
C MET A 15 17.28 13.04 -13.15
N GLN A 16 16.16 12.71 -12.52
CA GLN A 16 16.14 12.49 -11.08
C GLN A 16 17.12 11.40 -10.68
N LEU A 17 17.19 10.35 -11.47
CA LEU A 17 18.07 9.23 -11.17
C LEU A 17 19.53 9.59 -11.40
N GLN A 18 19.80 10.25 -12.53
CA GLN A 18 21.13 10.80 -12.83
C GLN A 18 21.67 11.68 -11.69
N LYS A 19 20.86 12.62 -11.23
CA LYS A 19 21.26 13.52 -10.14
C LYS A 19 21.45 12.77 -8.82
N ALA A 20 20.64 11.76 -8.56
CA ALA A 20 20.78 10.96 -7.34
C ALA A 20 22.08 10.15 -7.38
N ASP A 21 22.34 9.53 -8.53
CA ASP A 21 23.56 8.76 -8.72
C ASP A 21 24.82 9.60 -8.50
N SER A 22 24.84 10.82 -9.06
CA SER A 22 25.97 11.75 -8.88
C SER A 22 26.18 12.06 -7.40
N ALA A 23 25.09 12.32 -6.70
CA ALA A 23 25.14 12.63 -5.28
C ALA A 23 25.64 11.44 -4.45
N VAL A 24 25.19 10.24 -4.79
CA VAL A 24 25.69 9.04 -4.11
C VAL A 24 27.20 8.88 -4.37
N GLN A 25 27.65 9.13 -5.59
CA GLN A 25 29.08 9.09 -5.91
C GLN A 25 29.89 10.11 -5.12
N GLU A 26 29.39 11.34 -5.08
CA GLU A 26 30.02 12.42 -4.32
C GLU A 26 30.16 12.05 -2.84
N VAL A 27 29.08 11.54 -2.24
CA VAL A 27 29.05 11.24 -0.80
C VAL A 27 29.90 10.02 -0.44
N THR A 28 29.76 8.93 -1.20
CA THR A 28 30.31 7.63 -0.80
C THR A 28 31.49 7.16 -1.63
N GLY A 29 31.72 7.77 -2.78
CA GLY A 29 32.78 7.33 -3.68
C GLY A 29 32.35 6.21 -4.62
N LEU A 30 31.14 5.70 -4.47
CA LEU A 30 30.60 4.66 -5.35
C LEU A 30 29.33 5.17 -6.02
N ASP A 31 29.03 4.70 -7.22
CA ASP A 31 27.69 4.89 -7.80
C ASP A 31 26.68 3.87 -7.18
N ILE A 32 25.42 3.99 -7.55
CA ILE A 32 24.36 3.13 -6.99
C ILE A 32 24.64 1.65 -7.28
N LYS A 33 25.11 1.34 -8.49
CA LYS A 33 25.57 -0.03 -8.78
C LYS A 33 26.63 -0.50 -7.78
N GLY A 34 27.60 0.36 -7.49
CA GLY A 34 28.65 0.06 -6.51
C GLY A 34 28.12 -0.19 -5.11
N ILE A 35 27.15 0.63 -4.69
CA ILE A 35 26.51 0.45 -3.37
C ILE A 35 25.81 -0.91 -3.31
N CYS A 36 25.01 -1.23 -4.32
CA CYS A 36 24.30 -2.51 -4.39
C CYS A 36 25.24 -3.72 -4.42
N LYS A 37 26.36 -3.55 -5.12
CA LYS A 37 27.43 -4.55 -5.19
C LYS A 37 27.99 -4.80 -3.79
N ALA A 38 28.19 -3.73 -3.03
CA ALA A 38 28.67 -3.86 -1.66
C ALA A 38 27.64 -4.56 -0.73
N LEU A 39 26.36 -4.28 -0.94
CA LEU A 39 25.29 -4.80 -0.09
C LEU A 39 24.98 -6.26 -0.34
N TYR A 40 24.90 -6.61 -1.62
CA TYR A 40 24.41 -7.91 -2.06
C TYR A 40 25.45 -8.74 -2.82
N GLY A 41 26.56 -8.13 -3.22
CA GLY A 41 27.58 -8.84 -4.00
C GLY A 41 27.19 -9.11 -5.45
N THR A 42 26.10 -8.49 -5.91
CA THR A 42 25.54 -8.80 -7.23
C THR A 42 25.77 -7.69 -8.26
N PHE A 43 25.54 -8.05 -9.51
CA PHE A 43 25.63 -7.13 -10.64
C PHE A 43 24.70 -7.65 -11.72
N SER A 44 24.27 -6.76 -12.61
CA SER A 44 23.25 -7.13 -13.58
C SER A 44 23.87 -7.74 -14.81
N SER A 45 23.18 -8.73 -15.37
CA SER A 45 23.60 -9.38 -16.60
C SER A 45 22.42 -9.42 -17.57
N SER A 46 21.68 -8.31 -17.65
CA SER A 46 20.57 -8.19 -18.57
C SER A 46 19.45 -9.19 -18.29
N GLU A 47 19.24 -9.50 -17.02
CA GLU A 47 18.12 -10.33 -16.62
C GLU A 47 16.84 -9.71 -17.15
N LYS A 48 15.95 -10.55 -17.65
CA LYS A 48 14.67 -10.11 -18.18
C LYS A 48 13.68 -9.82 -17.04
N VAL A 49 13.17 -8.59 -17.01
CA VAL A 49 12.31 -8.12 -15.93
C VAL A 49 10.96 -7.70 -16.48
N GLY A 50 9.90 -8.37 -16.01
CA GLY A 50 8.54 -8.02 -16.37
C GLY A 50 7.90 -7.10 -15.34
N ILE A 51 7.37 -5.99 -15.80
CA ILE A 51 6.71 -5.00 -14.96
C ILE A 51 5.20 -5.12 -15.21
N VAL A 52 4.43 -5.44 -14.17
CA VAL A 52 3.01 -5.68 -14.32
C VAL A 52 2.22 -4.56 -13.66
N PRO A 53 1.49 -3.76 -14.45
CA PRO A 53 0.60 -2.77 -13.84
C PRO A 53 -0.51 -3.44 -13.04
N VAL A 54 -0.92 -2.82 -11.95
CA VAL A 54 -1.93 -3.37 -11.04
C VAL A 54 -3.02 -2.33 -10.78
N THR A 55 -4.27 -2.71 -11.03
CA THR A 55 -5.42 -1.82 -10.88
C THR A 55 -6.06 -1.88 -9.49
N SER A 56 -5.48 -2.67 -8.60
CA SER A 56 -6.03 -2.88 -7.25
C SER A 56 -6.01 -1.60 -6.44
N GLY A 57 -6.97 -1.44 -5.54
CA GLY A 57 -7.01 -0.29 -4.64
C GLY A 57 -7.22 1.01 -5.36
N ASN A 58 -6.35 1.98 -5.11
CA ASN A 58 -6.36 3.27 -5.83
C ASN A 58 -6.06 3.16 -7.32
N GLY A 59 -5.50 2.04 -7.74
CA GLY A 59 -5.35 1.74 -9.15
C GLY A 59 -4.00 2.12 -9.72
N ILE A 60 -3.94 2.12 -11.04
CA ILE A 60 -2.73 2.42 -11.78
C ILE A 60 -2.32 3.87 -11.51
N ILE A 61 -1.06 4.06 -11.13
CA ILE A 61 -0.54 5.40 -10.88
C ILE A 61 0.19 5.89 -12.14
N GLY A 62 -0.23 7.05 -12.63
CA GLY A 62 0.39 7.66 -13.81
C GLY A 62 1.89 7.72 -13.65
N ASN A 63 2.60 7.32 -14.68
CA ASN A 63 4.08 7.33 -14.71
C ASN A 63 4.77 6.21 -13.92
N PHE A 64 4.02 5.39 -13.19
CA PHE A 64 4.64 4.40 -12.31
C PHE A 64 5.36 3.27 -13.09
N SER A 65 4.64 2.58 -13.96
CA SER A 65 5.26 1.53 -14.77
C SER A 65 6.30 2.10 -15.74
N ALA A 66 5.99 3.23 -16.34
CA ALA A 66 6.93 3.90 -17.25
C ALA A 66 8.24 4.21 -16.53
N SER A 67 8.15 4.68 -15.28
CA SER A 67 9.34 4.96 -14.47
C SER A 67 10.14 3.70 -14.11
N LEU A 68 9.45 2.63 -13.69
CA LEU A 68 10.14 1.36 -13.41
C LEU A 68 10.86 0.83 -14.65
N HIS A 69 10.22 1.01 -15.81
CA HIS A 69 10.77 0.66 -17.10
C HIS A 69 12.10 1.41 -17.33
N ALA A 70 12.10 2.71 -17.07
CA ALA A 70 13.32 3.54 -17.21
C ALA A 70 14.40 3.14 -16.19
N ILE A 71 13.98 3.04 -14.93
CA ILE A 71 14.87 2.64 -13.82
C ILE A 71 15.56 1.31 -14.15
N THR A 72 14.77 0.30 -14.53
CA THR A 72 15.32 -1.02 -14.85
C THR A 72 16.30 -0.98 -16.01
N GLN A 73 15.90 -0.35 -17.11
CA GLN A 73 16.80 -0.17 -18.25
C GLN A 73 18.09 0.53 -17.80
N TYR A 74 17.97 1.55 -16.96
CA TYR A 74 19.11 2.35 -16.50
C TYR A 74 20.17 1.51 -15.79
N PHE A 75 19.73 0.50 -15.04
CA PHE A 75 20.66 -0.34 -14.32
C PHE A 75 21.05 -1.58 -15.13
N GLY A 76 20.63 -1.64 -16.39
CA GLY A 76 21.08 -2.64 -17.33
C GLY A 76 20.25 -3.91 -17.41
N PHE A 77 18.98 -3.84 -17.01
CA PHE A 77 18.08 -4.98 -17.12
C PHE A 77 17.32 -4.96 -18.43
N ASP A 78 16.92 -6.14 -18.88
CA ASP A 78 16.11 -6.32 -20.09
C ASP A 78 14.62 -6.26 -19.72
N SER A 79 14.13 -5.06 -19.46
CA SER A 79 12.78 -4.90 -18.89
C SER A 79 11.70 -4.62 -19.91
N PHE A 80 10.46 -5.00 -19.57
CA PHE A 80 9.29 -4.67 -20.35
C PHE A 80 8.07 -4.50 -19.45
N VAL A 81 7.09 -3.74 -19.93
CA VAL A 81 5.84 -3.53 -19.25
C VAL A 81 4.74 -4.26 -20.02
N THR A 82 3.96 -5.08 -19.31
CA THR A 82 2.87 -5.86 -19.93
C THR A 82 1.70 -4.98 -20.35
N ASP A 83 1.03 -5.36 -21.42
CA ASP A 83 -0.17 -4.66 -21.89
C ASP A 83 -1.30 -4.79 -20.92
N MET A 84 -1.56 -6.02 -20.47
CA MET A 84 -2.63 -6.31 -19.54
C MET A 84 -2.16 -6.07 -18.12
N PRO A 85 -3.08 -5.70 -17.21
CA PRO A 85 -2.71 -5.55 -15.81
C PRO A 85 -3.09 -6.78 -14.97
N ASP A 86 -2.73 -6.74 -13.68
CA ASP A 86 -3.21 -7.71 -12.70
C ASP A 86 -2.80 -9.15 -13.07
N VAL A 87 -3.72 -10.12 -12.94
CA VAL A 87 -3.40 -11.53 -13.16
C VAL A 87 -3.10 -11.80 -14.63
N SER A 88 -3.88 -11.21 -15.52
CA SER A 88 -3.64 -11.32 -16.96
C SER A 88 -2.25 -10.77 -17.34
N GLY A 89 -1.84 -9.68 -16.67
CA GLY A 89 -0.52 -9.11 -16.87
C GLY A 89 0.60 -10.01 -16.39
N TYR A 90 0.38 -10.64 -15.24
CA TYR A 90 1.31 -11.63 -14.67
C TYR A 90 1.56 -12.75 -15.65
N TYR A 91 0.47 -13.28 -16.19
CA TYR A 91 0.50 -14.38 -17.13
C TYR A 91 1.29 -13.97 -18.38
N GLU A 92 0.92 -12.82 -18.92
CA GLU A 92 1.64 -12.25 -20.04
C GLU A 92 3.14 -12.22 -19.74
N ALA A 93 3.51 -11.72 -18.55
CA ALA A 93 4.92 -11.55 -18.20
C ALA A 93 5.67 -12.89 -18.16
N VAL A 94 5.10 -13.88 -17.47
CA VAL A 94 5.72 -15.21 -17.41
C VAL A 94 5.82 -15.84 -18.81
N GLN A 95 4.78 -15.67 -19.61
CA GLN A 95 4.75 -16.23 -20.96
C GLN A 95 5.77 -15.58 -21.91
N ASN A 96 6.04 -14.29 -21.71
CA ASN A 96 7.07 -13.61 -22.50
C ASN A 96 8.48 -13.72 -21.89
N GLY A 97 8.64 -14.62 -20.92
CA GLY A 97 9.96 -15.03 -20.44
C GLY A 97 10.59 -14.19 -19.33
N ALA A 98 9.80 -13.44 -18.58
CA ALA A 98 10.33 -12.71 -17.43
C ALA A 98 11.04 -13.64 -16.46
N GLU A 99 12.19 -13.20 -15.97
CA GLU A 99 12.91 -13.93 -14.93
C GLU A 99 12.56 -13.33 -13.57
N ILE A 100 12.36 -12.02 -13.55
CA ILE A 100 11.98 -11.29 -12.36
C ILE A 100 10.67 -10.56 -12.66
N ILE A 101 9.76 -10.61 -11.69
CA ILE A 101 8.48 -9.92 -11.77
C ILE A 101 8.55 -8.76 -10.81
N LEU A 102 7.96 -7.66 -11.22
CA LEU A 102 7.99 -6.42 -10.46
C LEU A 102 6.56 -5.90 -10.53
N MET A 103 5.93 -5.72 -9.38
CA MET A 103 4.55 -5.28 -9.33
C MET A 103 4.22 -4.74 -7.93
N ALA A 104 3.24 -3.84 -7.86
CA ALA A 104 2.90 -3.23 -6.58
C ALA A 104 1.43 -3.00 -6.47
N ASP A 105 0.88 -3.24 -5.28
CA ASP A 105 -0.45 -2.72 -4.95
C ASP A 105 -0.25 -1.56 -3.97
N ASP A 106 -1.29 -1.13 -3.26
CA ASP A 106 -1.16 0.05 -2.40
C ASP A 106 -0.37 -0.22 -1.10
N ARG A 107 -0.23 -1.49 -0.73
CA ARG A 107 0.46 -1.86 0.50
C ARG A 107 1.80 -2.60 0.28
N THR A 108 2.00 -3.20 -0.89
CA THR A 108 3.21 -4.00 -1.16
C THR A 108 3.74 -3.79 -2.57
N PHE A 109 5.02 -3.44 -2.64
CA PHE A 109 5.76 -3.38 -3.88
C PHE A 109 6.87 -4.41 -3.78
N LEU A 110 6.88 -5.37 -4.71
CA LEU A 110 7.80 -6.49 -4.62
C LEU A 110 8.58 -6.74 -5.91
N ALA A 111 9.69 -7.44 -5.77
CA ALA A 111 10.39 -8.06 -6.88
C ALA A 111 10.49 -9.55 -6.58
N HIS A 112 10.04 -10.38 -7.51
CA HIS A 112 10.16 -11.82 -7.38
C HIS A 112 10.99 -12.41 -8.53
N ASN A 113 12.14 -12.97 -8.17
CA ASN A 113 13.02 -13.64 -9.13
C ASN A 113 12.58 -15.11 -9.24
N LEU A 114 11.96 -15.43 -10.35
CA LEU A 114 11.41 -16.75 -10.61
C LEU A 114 12.49 -17.83 -10.77
N LYS A 115 13.72 -17.45 -11.08
CA LYS A 115 14.78 -18.41 -11.35
C LYS A 115 15.38 -18.96 -10.08
N ASN A 116 15.51 -18.11 -9.06
CA ASN A 116 16.13 -18.55 -7.83
C ASN A 116 15.25 -18.45 -6.57
N GLY A 117 14.00 -18.01 -6.73
CA GLY A 117 13.05 -17.97 -5.62
C GLY A 117 13.15 -16.80 -4.65
N LYS A 118 14.12 -15.91 -4.85
CA LYS A 118 14.31 -14.77 -3.96
C LYS A 118 13.26 -13.70 -4.20
N MET A 119 12.79 -13.10 -3.11
CA MET A 119 11.72 -12.12 -3.20
C MET A 119 12.02 -10.95 -2.25
N ALA A 120 11.89 -9.74 -2.78
CA ALA A 120 12.20 -8.51 -2.06
C ALA A 120 10.94 -7.68 -1.83
N ASN A 121 10.87 -7.02 -0.67
CA ASN A 121 9.87 -6.00 -0.40
C ASN A 121 10.53 -4.63 -0.45
N ASN A 122 9.88 -3.69 -1.10
CA ASN A 122 10.43 -2.35 -1.31
C ASN A 122 10.74 -1.56 -0.03
N GLN A 123 9.98 -1.83 1.04
CA GLN A 123 10.14 -1.05 2.28
C GLN A 123 11.47 -1.32 2.98
N PRO A 124 11.75 -2.59 3.30
CA PRO A 124 13.05 -2.80 3.94
C PRO A 124 14.21 -2.58 2.99
N CYS A 125 14.04 -2.92 1.72
CA CYS A 125 15.10 -2.71 0.72
C CYS A 125 15.47 -1.23 0.55
N THR A 126 14.48 -0.33 0.65
CA THR A 126 14.72 1.12 0.63
C THR A 126 15.42 1.60 1.91
N GLY A 127 14.95 1.18 3.07
CA GLY A 127 15.59 1.57 4.33
C GLY A 127 17.03 1.13 4.39
N ILE A 128 17.30 -0.09 3.95
CA ILE A 128 18.66 -0.62 3.95
C ILE A 128 19.61 0.20 3.05
N ILE A 129 19.22 0.46 1.82
CA ILE A 129 20.14 1.10 0.86
C ILE A 129 20.40 2.56 1.23
N TYR A 130 19.35 3.30 1.60
CA TYR A 130 19.50 4.68 2.05
C TYR A 130 20.31 4.78 3.35
N ALA A 131 20.12 3.83 4.26
CA ALA A 131 20.95 3.78 5.48
C ALA A 131 22.40 3.45 5.16
N GLU A 132 22.61 2.52 4.24
CA GLU A 132 23.94 2.18 3.76
C GLU A 132 24.65 3.41 3.16
N ILE A 133 23.96 4.12 2.26
CA ILE A 133 24.53 5.29 1.58
C ILE A 133 24.97 6.34 2.59
N ALA A 134 24.06 6.72 3.48
CA ALA A 134 24.36 7.62 4.61
C ALA A 134 25.62 7.21 5.37
N SER A 135 25.74 5.92 5.64
CA SER A 135 26.80 5.37 6.49
C SER A 135 28.17 5.36 5.82
N ARG A 136 28.20 5.40 4.48
CA ARG A 136 29.46 5.37 3.75
C ARG A 136 29.95 6.78 3.38
N TYR A 137 29.39 7.80 4.02
CA TYR A 137 29.81 9.18 3.82
C TYR A 137 31.29 9.37 4.17
N LEU A 138 32.11 9.56 3.14
CA LEU A 138 33.57 9.50 3.26
C LEU A 138 34.15 10.47 4.29
N LYS A 139 33.54 11.65 4.41
CA LYS A 139 34.04 12.67 5.31
C LYS A 139 33.23 12.76 6.60
N ALA A 140 32.62 11.64 7.00
CA ALA A 140 31.79 11.61 8.22
C ALA A 140 32.53 12.01 9.49
N ASP A 141 33.66 11.35 9.74
CA ASP A 141 34.45 11.61 10.97
C ASP A 141 33.69 11.24 12.25
N SER A 142 32.76 10.28 12.15
CA SER A 142 32.03 9.75 13.30
C SER A 142 31.19 8.53 12.89
N LYS A 143 31.02 7.59 13.82
CA LYS A 143 30.15 6.42 13.64
C LYS A 143 28.77 6.62 14.28
N ASP A 144 28.46 7.87 14.66
CA ASP A 144 27.16 8.23 15.19
C ASP A 144 26.19 8.52 14.04
N VAL A 145 25.01 7.91 14.05
CA VAL A 145 24.00 8.26 13.04
C VAL A 145 22.61 8.41 13.63
N LEU A 146 21.91 9.46 13.18
CA LEU A 146 20.55 9.76 13.63
C LEU A 146 19.57 9.21 12.62
N VAL A 147 18.63 8.40 13.12
CA VAL A 147 17.55 7.86 12.33
C VAL A 147 16.25 8.49 12.79
N VAL A 148 15.58 9.20 11.88
CA VAL A 148 14.32 9.87 12.17
C VAL A 148 13.20 9.18 11.38
N GLY A 149 12.29 8.51 12.09
CA GLY A 149 11.27 7.69 11.47
C GLY A 149 11.68 6.25 11.59
N LEU A 150 10.91 5.47 12.34
CA LEU A 150 11.24 4.07 12.63
C LEU A 150 10.08 3.14 12.26
N GLY A 151 9.46 3.40 11.11
CA GLY A 151 8.38 2.57 10.60
C GLY A 151 8.91 1.53 9.63
N LYS A 152 8.14 1.25 8.59
CA LYS A 152 8.44 0.15 7.68
C LYS A 152 9.71 0.34 6.85
N VAL A 153 10.08 1.59 6.59
CA VAL A 153 11.33 1.89 5.91
C VAL A 153 12.42 2.12 6.95
N GLY A 154 12.09 2.91 7.97
CA GLY A 154 13.08 3.35 8.95
C GLY A 154 13.63 2.26 9.85
N PHE A 155 12.76 1.40 10.36
CA PHE A 155 13.16 0.32 11.27
C PHE A 155 14.22 -0.59 10.62
N PRO A 156 13.93 -1.16 9.44
CA PRO A 156 14.96 -2.01 8.81
C PRO A 156 16.26 -1.26 8.48
N GLY A 157 16.16 0.02 8.14
CA GLY A 157 17.34 0.86 7.96
C GLY A 157 18.19 0.90 9.21
N ALA A 158 17.58 1.26 10.34
CA ALA A 158 18.30 1.28 11.61
C ALA A 158 18.87 -0.10 11.98
N GLU A 159 18.07 -1.14 11.77
CA GLU A 159 18.52 -2.51 12.01
C GLU A 159 19.81 -2.81 11.26
N HIS A 160 19.84 -2.43 9.99
CA HIS A 160 21.02 -2.59 9.13
C HIS A 160 22.23 -1.86 9.73
N LEU A 161 22.05 -0.59 10.12
CA LEU A 161 23.14 0.21 10.69
C LEU A 161 23.68 -0.41 11.98
N VAL A 162 22.79 -0.94 12.82
CA VAL A 162 23.23 -1.62 14.06
C VAL A 162 24.04 -2.87 13.71
N GLN A 163 23.55 -3.69 12.79
CA GLN A 163 24.30 -4.86 12.31
C GLN A 163 25.66 -4.45 11.73
N LYS A 164 25.70 -3.30 11.07
CA LYS A 164 26.94 -2.74 10.51
C LYS A 164 27.86 -2.05 11.53
N ASP A 165 27.52 -2.15 12.82
CA ASP A 165 28.38 -1.66 13.91
C ASP A 165 28.50 -0.13 13.95
N PHE A 166 27.39 0.54 13.65
CA PHE A 166 27.28 1.97 13.85
C PHE A 166 26.57 2.23 15.17
N ARG A 167 26.80 3.41 15.71
CA ARG A 167 26.17 3.85 16.96
C ARG A 167 24.90 4.59 16.58
N VAL A 168 23.76 3.93 16.72
CA VAL A 168 22.51 4.44 16.17
C VAL A 168 21.67 5.13 17.23
N TYR A 169 21.32 6.39 16.97
CA TYR A 169 20.38 7.15 17.77
C TYR A 169 19.07 7.19 17.00
N GLY A 170 17.95 6.92 17.66
CA GLY A 170 16.65 6.84 16.97
C GLY A 170 15.57 7.73 17.54
N TYR A 171 14.76 8.32 16.66
CA TYR A 171 13.56 9.06 17.06
C TYR A 171 12.39 8.76 16.13
N ASP A 172 11.22 8.66 16.74
CA ASP A 172 9.96 8.65 16.02
C ASP A 172 8.95 9.39 16.88
N ALA A 173 8.15 10.24 16.26
CA ALA A 173 7.13 10.99 17.00
C ALA A 173 6.12 10.07 17.68
N ASP A 174 5.99 8.83 17.19
CA ASP A 174 5.16 7.81 17.83
C ASP A 174 5.99 7.06 18.88
N GLU A 175 5.73 7.33 20.15
CA GLU A 175 6.49 6.76 21.26
C GLU A 175 6.47 5.22 21.33
N THR A 176 5.38 4.60 20.88
CA THR A 176 5.28 3.13 20.81
C THR A 176 6.24 2.56 19.77
N LEU A 177 6.36 3.22 18.63
CA LEU A 177 7.33 2.83 17.59
C LEU A 177 8.78 3.05 18.06
N LEU A 178 9.02 4.06 18.89
CA LEU A 178 10.38 4.33 19.37
C LEU A 178 10.83 3.27 20.37
N GLU A 179 9.90 2.88 21.24
CA GLU A 179 10.15 1.85 22.24
C GLU A 179 10.37 0.49 21.58
N ARG A 180 9.51 0.13 20.63
CA ARG A 180 9.69 -1.11 19.84
C ARG A 180 11.11 -1.19 19.28
N ALA A 181 11.61 -0.07 18.77
CA ALA A 181 12.94 0.03 18.19
C ALA A 181 14.07 -0.08 19.23
N THR A 182 13.94 0.61 20.36
CA THR A 182 14.96 0.51 21.40
C THR A 182 14.90 -0.88 22.07
N SER A 183 13.71 -1.46 22.20
CA SER A 183 13.57 -2.75 22.88
C SER A 183 13.97 -3.94 22.00
N ASN A 184 13.72 -3.86 20.70
CA ASN A 184 14.09 -4.95 19.79
C ASN A 184 15.48 -4.81 19.15
N LEU A 185 15.94 -3.58 18.94
CA LEU A 185 17.23 -3.35 18.24
C LEU A 185 18.35 -2.99 19.18
N GLY A 186 18.01 -2.38 20.31
CA GLY A 186 18.99 -1.88 21.25
C GLY A 186 19.58 -0.54 20.86
N ILE A 187 18.90 0.23 20.01
CA ILE A 187 19.38 1.58 19.66
C ILE A 187 19.20 2.56 20.82
N ILE A 188 19.90 3.69 20.73
CA ILE A 188 19.81 4.76 21.72
C ILE A 188 18.63 5.67 21.35
N PRO A 189 17.73 5.96 22.31
CA PRO A 189 16.67 6.91 22.00
C PRO A 189 17.17 8.34 21.97
N PHE A 190 16.88 9.07 20.90
CA PHE A 190 17.27 10.48 20.75
C PHE A 190 16.22 11.41 21.35
N ASP A 191 16.69 12.39 22.12
CA ASP A 191 15.85 13.43 22.69
C ASP A 191 15.99 14.72 21.86
N PRO A 192 14.88 15.17 21.23
CA PRO A 192 14.93 16.48 20.54
C PRO A 192 15.35 17.64 21.45
N ALA A 193 14.97 17.58 22.72
CA ALA A 193 15.31 18.63 23.68
C ALA A 193 16.78 18.64 24.12
N ASN A 194 17.46 17.50 23.98
CA ASN A 194 18.92 17.43 24.19
C ASN A 194 19.62 17.03 22.90
N PRO A 195 19.64 17.95 21.92
CA PRO A 195 20.21 17.65 20.61
C PRO A 195 21.74 17.71 20.61
N LYS A 196 22.35 16.83 19.84
CA LYS A 196 23.77 16.90 19.52
C LYS A 196 23.87 16.94 18.01
N LYS A 197 24.98 17.44 17.49
CA LYS A 197 25.17 17.48 16.05
C LYS A 197 25.46 16.07 15.52
N PHE A 198 24.90 15.75 14.36
CA PHE A 198 25.29 14.57 13.60
C PHE A 198 25.83 14.99 12.25
N SER A 199 26.78 14.21 11.73
CA SER A 199 27.20 14.37 10.35
C SER A 199 26.61 13.29 9.43
N ILE A 200 25.98 12.28 10.03
CA ILE A 200 25.24 11.27 9.27
C ILE A 200 23.80 11.20 9.77
N ILE A 201 22.86 11.46 8.87
CA ILE A 201 21.43 11.47 9.21
C ILE A 201 20.60 10.69 8.18
N PHE A 202 19.71 9.83 8.67
CA PHE A 202 18.83 9.05 7.81
C PHE A 202 17.41 9.36 8.25
N GLU A 203 16.56 9.76 7.31
CA GLU A 203 15.17 10.11 7.61
C GLU A 203 14.18 9.34 6.72
N ALA A 204 13.13 8.82 7.34
CA ALA A 204 12.15 8.01 6.63
C ALA A 204 10.75 8.32 7.15
N THR A 205 10.26 9.53 6.83
CA THR A 205 8.90 9.95 7.18
C THR A 205 8.18 10.55 5.98
N PRO A 206 6.83 10.62 6.03
CA PRO A 206 6.04 11.31 5.01
C PRO A 206 5.80 12.79 5.35
N CYS A 207 6.67 13.37 6.18
CA CYS A 207 6.45 14.71 6.71
C CYS A 207 7.61 15.66 6.42
N ALA A 208 7.29 16.95 6.36
CA ALA A 208 8.26 17.99 6.12
C ALA A 208 8.84 18.48 7.44
N ASN A 209 10.05 19.04 7.37
CA ASN A 209 10.69 19.70 8.52
C ASN A 209 10.85 18.82 9.75
N THR A 210 11.24 17.58 9.54
CA THR A 210 11.40 16.64 10.65
C THR A 210 12.82 16.62 11.21
N ILE A 211 13.73 17.35 10.55
CA ILE A 211 15.13 17.44 10.96
C ILE A 211 15.43 18.82 11.55
N PRO A 212 15.50 18.92 12.91
CA PRO A 212 15.77 20.19 13.59
C PRO A 212 17.15 20.76 13.29
N GLU A 213 17.26 22.08 13.28
CA GLU A 213 18.50 22.75 12.95
C GLU A 213 19.65 22.36 13.88
N ALA A 214 19.31 22.15 15.15
CA ALA A 214 20.28 21.81 16.18
C ALA A 214 21.09 20.53 15.94
N VAL A 215 20.62 19.63 15.07
CA VAL A 215 21.33 18.36 14.82
C VAL A 215 22.14 18.36 13.54
N LEU A 216 22.09 19.44 12.78
CA LEU A 216 22.86 19.53 11.55
C LEU A 216 24.26 20.05 11.87
N SER A 217 25.26 19.34 11.39
CA SER A 217 26.63 19.85 11.37
C SER A 217 26.91 20.32 9.95
N GLU A 218 27.94 21.13 9.77
CA GLU A 218 28.26 21.61 8.43
C GLU A 218 28.61 20.44 7.52
N ASN A 219 28.08 20.46 6.30
CA ASN A 219 28.37 19.46 5.26
C ASN A 219 27.88 18.03 5.52
N CYS A 220 26.95 17.89 6.48
CA CYS A 220 26.44 16.57 6.84
C CYS A 220 25.60 15.95 5.72
N VAL A 221 25.60 14.62 5.67
CA VAL A 221 24.77 13.90 4.71
C VAL A 221 23.39 13.70 5.30
N LEU A 222 22.36 13.94 4.48
CA LEU A 222 20.99 13.59 4.81
C LEU A 222 20.47 12.64 3.75
N SER A 223 20.20 11.40 4.16
CA SER A 223 19.80 10.35 3.23
C SER A 223 18.35 10.00 3.51
N THR A 224 17.47 10.40 2.60
CA THR A 224 16.04 10.31 2.87
C THR A 224 15.20 9.88 1.66
N PRO A 225 14.53 8.71 1.78
CA PRO A 225 13.51 8.29 0.83
C PRO A 225 12.21 9.07 0.98
N GLY A 226 12.04 9.71 2.13
CA GLY A 226 10.80 10.40 2.50
C GLY A 226 10.32 11.49 1.55
N ILE A 227 9.00 11.61 1.47
CA ILE A 227 8.34 12.60 0.61
C ILE A 227 7.20 13.23 1.41
N PRO A 228 7.17 14.58 1.55
CA PRO A 228 8.08 15.61 1.00
C PRO A 228 9.42 15.64 1.71
N CYS A 229 10.25 16.64 1.38
CA CYS A 229 11.63 16.69 1.86
C CYS A 229 11.74 17.11 3.34
N ALA A 230 12.55 16.36 4.09
CA ALA A 230 12.70 16.49 5.55
C ALA A 230 13.30 17.80 6.04
N ILE A 231 14.00 18.50 5.15
CA ILE A 231 14.70 19.74 5.50
C ILE A 231 14.34 20.83 4.48
N SER A 232 14.01 22.02 4.97
CA SER A 232 13.72 23.15 4.08
C SER A 232 14.96 23.54 3.30
N GLU A 233 14.74 24.14 2.13
CA GLU A 233 15.83 24.63 1.28
C GLU A 233 16.79 25.50 2.05
N GLU A 234 16.24 26.43 2.83
CA GLU A 234 17.02 27.38 3.63
C GLU A 234 18.08 26.69 4.48
N LEU A 235 17.66 25.73 5.30
CA LEU A 235 18.58 24.98 6.15
C LEU A 235 19.59 24.20 5.33
N ARG A 236 19.12 23.60 4.24
CA ARG A 236 19.98 22.78 3.37
C ARG A 236 21.10 23.63 2.78
N ASP A 237 20.75 24.85 2.36
CA ASP A 237 21.73 25.81 1.88
C ASP A 237 22.65 26.31 3.01
N LYS A 238 22.06 26.63 4.15
CA LYS A 238 22.79 27.23 5.27
C LYS A 238 23.89 26.32 5.81
N TYR A 239 23.63 25.01 5.86
CA TYR A 239 24.61 24.05 6.36
C TYR A 239 25.25 23.22 5.25
N GLU A 240 24.98 23.57 3.99
CA GLU A 240 25.61 22.92 2.83
C GLU A 240 25.35 21.43 2.87
N VAL A 241 24.13 21.06 3.24
CA VAL A 241 23.78 19.67 3.55
C VAL A 241 23.83 18.85 2.27
N GLN A 242 24.38 17.64 2.37
CA GLN A 242 24.46 16.75 1.22
C GLN A 242 23.26 15.81 1.19
N LEU A 243 22.41 16.08 0.21
CA LEU A 243 21.09 15.52 0.14
C LEU A 243 21.04 14.33 -0.82
N ILE A 244 20.61 13.19 -0.29
CA ILE A 244 20.34 12.00 -1.10
C ILE A 244 18.85 11.74 -1.00
N ALA A 245 18.10 12.09 -2.04
CA ALA A 245 16.64 11.89 -2.02
C ALA A 245 16.08 11.77 -3.42
N GLU A 246 15.30 10.71 -3.63
CA GLU A 246 14.89 10.31 -4.95
C GLU A 246 13.69 9.39 -4.73
N PRO A 247 12.64 9.51 -5.57
CA PRO A 247 11.36 8.93 -5.13
C PRO A 247 11.11 7.45 -5.41
N LEU A 248 11.91 6.79 -6.24
CA LEU A 248 11.57 5.42 -6.66
C LEU A 248 12.76 4.53 -6.99
N GLY A 249 13.72 5.09 -7.74
CA GLY A 249 14.80 4.32 -8.35
C GLY A 249 15.87 3.69 -7.48
N ILE A 250 16.30 4.38 -6.43
CA ILE A 250 17.34 3.82 -5.54
C ILE A 250 16.79 2.61 -4.76
N GLY A 251 15.61 2.78 -4.19
CA GLY A 251 14.87 1.67 -3.58
C GLY A 251 14.59 0.54 -4.55
N THR A 252 14.28 0.87 -5.80
CA THR A 252 14.00 -0.16 -6.82
C THR A 252 15.26 -0.94 -7.16
N ALA A 253 16.39 -0.24 -7.27
CA ALA A 253 17.68 -0.90 -7.51
C ALA A 253 18.02 -1.85 -6.36
N SER A 254 17.75 -1.43 -5.13
CA SER A 254 18.06 -2.25 -3.97
C SER A 254 17.28 -3.57 -4.02
N MET A 255 16.00 -3.49 -4.34
CA MET A 255 15.16 -4.68 -4.54
C MET A 255 15.74 -5.62 -5.59
N LEU A 256 16.08 -5.08 -6.76
CA LEU A 256 16.47 -5.93 -7.88
C LEU A 256 17.79 -6.64 -7.60
N TYR A 257 18.77 -5.87 -7.15
CA TYR A 257 20.08 -6.43 -6.83
C TYR A 257 20.04 -7.43 -5.67
N SER A 258 19.09 -7.25 -4.74
CA SER A 258 18.91 -8.18 -3.63
C SER A 258 18.35 -9.54 -4.02
N VAL A 259 17.61 -9.62 -5.13
CA VAL A 259 17.08 -10.92 -5.58
C VAL A 259 17.94 -11.61 -6.62
N LEU A 260 19.04 -10.98 -7.05
CA LEU A 260 19.93 -11.59 -8.06
C LEU A 260 20.80 -12.69 -7.48
N ALA B 3 39.73 -35.17 19.68
CA ALA B 3 40.67 -34.59 20.69
C ALA B 3 40.15 -33.26 21.23
N LEU B 4 40.71 -32.83 22.36
CA LEU B 4 40.29 -31.61 23.03
C LEU B 4 41.17 -30.43 22.64
N LEU B 5 40.62 -29.23 22.76
CA LEU B 5 41.42 -28.01 22.66
C LEU B 5 42.70 -28.19 23.48
N THR B 6 43.81 -27.75 22.93
CA THR B 6 45.07 -27.69 23.64
C THR B 6 45.31 -26.22 23.98
N PRO B 7 46.18 -25.95 24.98
CA PRO B 7 46.51 -24.57 25.30
C PRO B 7 47.11 -23.78 24.13
N ASP B 8 47.83 -24.45 23.25
CA ASP B 8 48.50 -23.78 22.13
C ASP B 8 47.52 -23.29 21.09
N ASP B 9 46.43 -24.02 20.89
CA ASP B 9 45.35 -23.59 20.00
C ASP B 9 44.78 -22.23 20.43
N LEU B 10 44.89 -21.90 21.71
CA LEU B 10 44.22 -20.73 22.28
C LEU B 10 45.15 -19.55 22.58
N ILE B 11 46.35 -19.57 22.01
CA ILE B 11 47.34 -18.50 22.22
C ILE B 11 46.89 -17.22 21.53
N ASN B 12 47.15 -16.08 22.18
CA ASN B 12 46.76 -14.75 21.69
C ASN B 12 45.38 -14.79 21.01
N ILE B 13 44.41 -15.25 21.81
CA ILE B 13 43.03 -15.39 21.39
C ILE B 13 42.41 -14.10 20.83
N ASN B 14 42.80 -12.94 21.38
CA ASN B 14 42.24 -11.67 20.91
C ASN B 14 42.59 -11.43 19.45
N MET B 15 43.85 -11.68 19.10
CA MET B 15 44.32 -11.53 17.73
C MET B 15 43.63 -12.52 16.80
N GLN B 16 43.43 -13.74 17.27
CA GLN B 16 42.77 -14.76 16.46
C GLN B 16 41.34 -14.33 16.15
N LEU B 17 40.67 -13.82 17.18
CA LEU B 17 39.33 -13.28 17.04
C LEU B 17 39.31 -12.08 16.10
N GLN B 18 40.27 -11.17 16.28
CA GLN B 18 40.40 -10.00 15.40
C GLN B 18 40.51 -10.41 13.93
N LYS B 19 41.44 -11.30 13.63
CA LYS B 19 41.65 -11.76 12.26
C LYS B 19 40.45 -12.54 11.69
N ALA B 20 39.76 -13.29 12.54
CA ALA B 20 38.52 -13.97 12.12
C ALA B 20 37.42 -12.96 11.80
N ASP B 21 37.32 -11.93 12.63
CA ASP B 21 36.30 -10.89 12.43
C ASP B 21 36.51 -10.16 11.08
N SER B 22 37.76 -9.80 10.79
CA SER B 22 38.09 -9.18 9.50
C SER B 22 37.73 -10.07 8.32
N ALA B 23 37.97 -11.37 8.47
CA ALA B 23 37.69 -12.33 7.39
C ALA B 23 36.19 -12.47 7.14
N VAL B 24 35.44 -12.56 8.22
CA VAL B 24 34.00 -12.67 8.14
C VAL B 24 33.40 -11.43 7.51
N GLN B 25 33.90 -10.26 7.89
CA GLN B 25 33.48 -9.00 7.26
C GLN B 25 33.69 -8.98 5.75
N GLU B 26 34.85 -9.45 5.32
CA GLU B 26 35.19 -9.51 3.89
C GLU B 26 34.27 -10.45 3.10
N VAL B 27 33.95 -11.60 3.69
CA VAL B 27 33.06 -12.58 3.07
C VAL B 27 31.60 -12.08 3.04
N THR B 28 31.11 -11.58 4.18
CA THR B 28 29.67 -11.34 4.37
C THR B 28 29.20 -9.89 4.37
N GLY B 29 30.09 -8.95 4.70
CA GLY B 29 29.71 -7.56 4.89
C GLY B 29 29.50 -7.18 6.34
N LEU B 30 29.36 -8.17 7.21
CA LEU B 30 29.10 -7.95 8.63
C LEU B 30 30.21 -8.57 9.45
N ASP B 31 30.43 -8.04 10.65
CA ASP B 31 31.29 -8.70 11.63
C ASP B 31 30.50 -9.81 12.34
N ILE B 32 31.18 -10.56 13.22
CA ILE B 32 30.60 -11.72 13.90
C ILE B 32 29.37 -11.35 14.72
N LYS B 33 29.46 -10.22 15.42
CA LYS B 33 28.36 -9.67 16.19
C LYS B 33 27.17 -9.40 15.29
N GLY B 34 27.45 -8.82 14.12
CA GLY B 34 26.42 -8.55 13.12
C GLY B 34 25.76 -9.81 12.59
N ILE B 35 26.58 -10.82 12.31
CA ILE B 35 26.07 -12.10 11.83
C ILE B 35 25.14 -12.68 12.90
N CYS B 36 25.57 -12.67 14.15
CA CYS B 36 24.79 -13.21 15.28
C CYS B 36 23.48 -12.46 15.51
N LYS B 37 23.53 -11.14 15.35
CA LYS B 37 22.35 -10.29 15.49
C LYS B 37 21.28 -10.66 14.48
N ALA B 38 21.68 -10.82 13.22
CA ALA B 38 20.74 -11.15 12.14
C ALA B 38 20.24 -12.59 12.25
N LEU B 39 21.07 -13.48 12.76
CA LEU B 39 20.73 -14.90 12.86
C LEU B 39 19.72 -15.11 13.97
N TYR B 40 19.96 -14.46 15.11
CA TYR B 40 19.20 -14.70 16.31
C TYR B 40 18.19 -13.62 16.66
N GLY B 41 18.38 -12.42 16.11
CA GLY B 41 17.47 -11.30 16.39
C GLY B 41 17.59 -10.80 17.80
N THR B 42 18.78 -10.94 18.38
CA THR B 42 19.05 -10.54 19.75
C THR B 42 20.21 -9.57 19.80
N PHE B 43 20.39 -8.93 20.95
CA PHE B 43 21.53 -8.03 21.17
C PHE B 43 21.93 -8.00 22.64
N SER B 44 23.21 -7.74 22.90
CA SER B 44 23.76 -7.76 24.24
C SER B 44 23.54 -6.43 24.93
N SER B 45 23.31 -6.49 26.25
CA SER B 45 23.24 -5.30 27.09
C SER B 45 24.10 -5.49 28.33
N SER B 46 25.36 -5.89 28.11
CA SER B 46 26.32 -6.14 29.18
C SER B 46 25.79 -7.15 30.22
N GLU B 47 25.13 -8.21 29.77
CA GLU B 47 24.69 -9.30 30.66
C GLU B 47 25.87 -9.86 31.45
N LYS B 48 25.65 -10.17 32.73
CA LYS B 48 26.72 -10.70 33.57
C LYS B 48 26.92 -12.20 33.26
N VAL B 49 28.13 -12.56 32.84
CA VAL B 49 28.44 -13.92 32.44
C VAL B 49 29.46 -14.55 33.40
N GLY B 50 29.04 -15.63 34.06
CA GLY B 50 29.91 -16.35 34.99
C GLY B 50 30.54 -17.53 34.28
N ILE B 51 31.85 -17.65 34.37
CA ILE B 51 32.61 -18.66 33.65
C ILE B 51 33.17 -19.57 34.72
N VAL B 52 32.74 -20.85 34.71
CA VAL B 52 33.11 -21.81 35.75
C VAL B 52 34.12 -22.82 35.21
N PRO B 53 35.37 -22.80 35.73
CA PRO B 53 36.31 -23.87 35.36
C PRO B 53 35.81 -25.22 35.85
N VAL B 54 36.06 -26.26 35.06
CA VAL B 54 35.59 -27.61 35.34
C VAL B 54 36.75 -28.61 35.34
N THR B 55 36.95 -29.31 36.45
CA THR B 55 38.04 -30.27 36.60
C THR B 55 37.69 -31.68 36.13
N SER B 56 36.45 -31.89 35.68
CA SER B 56 35.99 -33.20 35.21
C SER B 56 36.81 -33.75 34.04
N GLY B 57 36.93 -35.07 34.00
CA GLY B 57 37.55 -35.78 32.88
C GLY B 57 39.03 -35.47 32.75
N ASN B 58 39.42 -35.02 31.57
CA ASN B 58 40.76 -34.55 31.31
C ASN B 58 41.16 -33.39 32.21
N GLY B 59 40.21 -32.60 32.63
CA GLY B 59 40.43 -31.54 33.61
C GLY B 59 40.46 -30.14 33.02
N ILE B 60 40.96 -29.19 33.79
CA ILE B 60 41.07 -27.80 33.34
C ILE B 60 42.07 -27.73 32.19
N ILE B 61 41.65 -27.16 31.07
CA ILE B 61 42.53 -26.96 29.92
C ILE B 61 43.16 -25.57 30.03
N GLY B 62 44.49 -25.51 30.00
CA GLY B 62 45.21 -24.24 30.06
C GLY B 62 44.67 -23.23 29.06
N ASN B 63 44.53 -21.99 29.52
CA ASN B 63 44.00 -20.88 28.70
C ASN B 63 42.51 -20.93 28.39
N PHE B 64 41.79 -21.97 28.83
CA PHE B 64 40.39 -22.15 28.40
C PHE B 64 39.45 -21.10 29.01
N SER B 65 39.40 -21.04 30.33
CA SER B 65 38.54 -20.04 30.97
C SER B 65 39.07 -18.62 30.70
N ALA B 66 40.39 -18.44 30.65
CA ALA B 66 40.96 -17.14 30.31
C ALA B 66 40.57 -16.71 28.89
N SER B 67 40.48 -17.67 27.97
CA SER B 67 40.05 -17.39 26.61
C SER B 67 38.57 -16.98 26.52
N LEU B 68 37.71 -17.74 27.19
CA LEU B 68 36.29 -17.37 27.24
C LEU B 68 36.08 -16.02 27.89
N HIS B 69 36.90 -15.72 28.87
CA HIS B 69 36.92 -14.43 29.54
C HIS B 69 37.21 -13.30 28.53
N ALA B 70 38.25 -13.48 27.70
CA ALA B 70 38.59 -12.51 26.65
C ALA B 70 37.49 -12.42 25.61
N ILE B 71 36.99 -13.58 25.18
CA ILE B 71 35.98 -13.66 24.11
C ILE B 71 34.69 -12.95 24.50
N THR B 72 34.20 -13.23 25.70
CA THR B 72 32.97 -12.62 26.16
C THR B 72 33.13 -11.10 26.34
N GLN B 73 34.25 -10.67 26.90
CA GLN B 73 34.54 -9.23 26.99
C GLN B 73 34.49 -8.62 25.58
N TYR B 74 35.14 -9.29 24.62
CA TYR B 74 35.22 -8.84 23.23
C TYR B 74 33.84 -8.57 22.62
N PHE B 75 32.89 -9.46 22.91
CA PHE B 75 31.53 -9.35 22.36
C PHE B 75 30.60 -8.54 23.28
N GLY B 76 31.14 -7.90 24.29
CA GLY B 76 30.42 -6.87 25.04
C GLY B 76 29.71 -7.33 26.29
N PHE B 77 30.12 -8.48 26.85
CA PHE B 77 29.53 -9.01 28.08
C PHE B 77 30.33 -8.64 29.32
N ASP B 78 29.63 -8.60 30.47
CA ASP B 78 30.26 -8.34 31.76
C ASP B 78 30.60 -9.69 32.39
N SER B 79 31.73 -10.23 31.96
CA SER B 79 32.09 -11.59 32.31
C SER B 79 33.11 -11.62 33.41
N PHE B 80 33.08 -12.72 34.16
CA PHE B 80 34.04 -13.03 35.20
C PHE B 80 34.26 -14.54 35.25
N VAL B 81 35.39 -14.94 35.83
CA VAL B 81 35.80 -16.33 35.96
C VAL B 81 35.86 -16.57 37.46
N THR B 82 35.19 -17.64 37.93
CA THR B 82 35.13 -17.96 39.35
C THR B 82 36.47 -18.46 39.89
N ASP B 83 36.76 -18.17 41.16
CA ASP B 83 37.92 -18.74 41.86
C ASP B 83 37.84 -20.27 41.94
N MET B 84 36.68 -20.78 42.38
CA MET B 84 36.49 -22.22 42.56
C MET B 84 35.99 -22.86 41.26
N PRO B 85 36.38 -24.13 41.00
CA PRO B 85 35.83 -24.87 39.87
C PRO B 85 34.61 -25.72 40.25
N ASP B 86 33.99 -26.36 39.27
CA ASP B 86 32.99 -27.40 39.50
C ASP B 86 31.76 -26.83 40.23
N VAL B 87 31.15 -27.60 41.14
CA VAL B 87 29.91 -27.18 41.79
C VAL B 87 30.13 -25.94 42.68
N SER B 88 31.26 -25.87 43.38
CA SER B 88 31.55 -24.72 44.22
C SER B 88 31.69 -23.46 43.38
N GLY B 89 32.27 -23.62 42.19
CA GLY B 89 32.36 -22.54 41.22
C GLY B 89 31.02 -22.08 40.71
N TYR B 90 30.14 -23.05 40.43
CA TYR B 90 28.76 -22.76 40.02
C TYR B 90 28.05 -21.90 41.07
N TYR B 91 28.14 -22.32 42.33
CA TYR B 91 27.59 -21.58 43.46
C TYR B 91 28.14 -20.15 43.50
N GLU B 92 29.47 -20.05 43.40
CA GLU B 92 30.15 -18.77 43.43
C GLU B 92 29.64 -17.85 42.31
N ALA B 93 29.50 -18.40 41.11
CA ALA B 93 29.00 -17.66 39.94
C ALA B 93 27.59 -17.10 40.16
N VAL B 94 26.69 -17.95 40.64
CA VAL B 94 25.31 -17.58 40.91
C VAL B 94 25.24 -16.54 42.02
N GLN B 95 25.99 -16.78 43.11
CA GLN B 95 26.01 -15.89 44.27
C GLN B 95 26.48 -14.48 43.89
N ASN B 96 27.48 -14.42 43.00
CA ASN B 96 28.02 -13.14 42.54
C ASN B 96 27.26 -12.58 41.32
N GLY B 97 26.05 -13.06 41.07
CA GLY B 97 25.08 -12.39 40.21
C GLY B 97 25.17 -12.71 38.73
N ALA B 98 25.75 -13.86 38.38
CA ALA B 98 25.77 -14.28 36.98
C ALA B 98 24.35 -14.44 36.43
N GLU B 99 24.15 -13.93 35.22
CA GLU B 99 22.88 -14.03 34.50
C GLU B 99 22.94 -15.18 33.49
N ILE B 100 24.12 -15.37 32.89
CA ILE B 100 24.40 -16.53 32.03
C ILE B 100 25.58 -17.33 32.57
N ILE B 101 25.42 -18.65 32.66
CA ILE B 101 26.53 -19.52 33.05
C ILE B 101 27.17 -20.19 31.82
N LEU B 102 28.50 -20.17 31.81
CA LEU B 102 29.30 -20.75 30.76
C LEU B 102 30.21 -21.80 31.39
N MET B 103 30.07 -23.06 30.99
CA MET B 103 30.94 -24.12 31.53
C MET B 103 31.00 -25.33 30.60
N ALA B 104 32.06 -26.12 30.70
CA ALA B 104 32.24 -27.24 29.79
C ALA B 104 32.96 -28.41 30.42
N ASP B 105 32.49 -29.63 30.20
CA ASP B 105 33.29 -30.81 30.48
C ASP B 105 33.83 -31.33 29.15
N ASP B 106 34.20 -32.61 29.10
CA ASP B 106 34.82 -33.16 27.90
C ASP B 106 33.82 -33.49 26.79
N ARG B 107 32.53 -33.54 27.13
CA ARG B 107 31.51 -33.91 26.15
C ARG B 107 30.51 -32.78 25.85
N THR B 108 30.37 -31.84 26.77
CA THR B 108 29.39 -30.76 26.61
C THR B 108 29.98 -29.41 27.02
N PHE B 109 29.83 -28.43 26.15
CA PHE B 109 30.12 -27.05 26.48
C PHE B 109 28.80 -26.31 26.34
N LEU B 110 28.35 -25.65 27.41
CA LEU B 110 27.04 -25.02 27.42
C LEU B 110 27.02 -23.59 27.90
N ALA B 111 25.97 -22.89 27.49
CA ALA B 111 25.62 -21.58 28.00
C ALA B 111 24.18 -21.67 28.49
N HIS B 112 23.96 -21.18 29.70
CA HIS B 112 22.65 -21.24 30.31
C HIS B 112 22.28 -19.86 30.81
N ASN B 113 21.21 -19.31 30.26
CA ASN B 113 20.70 -18.01 30.67
C ASN B 113 19.67 -18.22 31.78
N LEU B 114 20.03 -17.84 32.99
CA LEU B 114 19.19 -18.04 34.17
C LEU B 114 17.97 -17.12 34.20
N LYS B 115 18.05 -15.99 33.51
CA LYS B 115 16.93 -15.03 33.45
C LYS B 115 15.74 -15.55 32.65
N ASN B 116 15.99 -16.30 31.58
CA ASN B 116 14.92 -16.74 30.69
C ASN B 116 14.86 -18.25 30.45
N GLY B 117 15.77 -19.01 31.04
CA GLY B 117 15.74 -20.47 30.93
C GLY B 117 16.33 -21.05 29.66
N LYS B 118 16.89 -20.21 28.80
CA LYS B 118 17.41 -20.70 27.52
C LYS B 118 18.80 -21.29 27.67
N MET B 119 19.03 -22.41 26.98
CA MET B 119 20.31 -23.09 27.04
C MET B 119 20.78 -23.44 25.63
N ALA B 120 22.09 -23.35 25.43
CA ALA B 120 22.71 -23.61 24.15
C ALA B 120 23.76 -24.69 24.32
N ASN B 121 23.87 -25.59 23.34
CA ASN B 121 24.98 -26.53 23.29
C ASN B 121 25.96 -26.04 22.21
N ASN B 122 27.26 -26.05 22.52
CA ASN B 122 28.31 -25.51 21.64
C ASN B 122 28.34 -26.11 20.24
N GLN B 123 28.03 -27.40 20.16
CA GLN B 123 28.16 -28.13 18.89
C GLN B 123 27.20 -27.66 17.81
N PRO B 124 25.88 -27.69 18.07
CA PRO B 124 24.98 -27.15 17.05
C PRO B 124 25.15 -25.65 16.84
N CYS B 125 25.36 -24.89 17.91
CA CYS B 125 25.57 -23.43 17.76
C CYS B 125 26.78 -23.12 16.89
N THR B 126 27.84 -23.92 17.05
CA THR B 126 29.05 -23.74 16.23
C THR B 126 28.77 -24.07 14.77
N GLY B 127 28.15 -25.22 14.54
CA GLY B 127 27.82 -25.64 13.19
C GLY B 127 26.91 -24.67 12.49
N ILE B 128 25.88 -24.22 13.19
CA ILE B 128 24.92 -23.27 12.61
C ILE B 128 25.60 -21.96 12.19
N ILE B 129 26.48 -21.42 13.02
CA ILE B 129 27.07 -20.10 12.68
C ILE B 129 28.09 -20.17 11.55
N TYR B 130 28.92 -21.22 11.55
CA TYR B 130 29.90 -21.39 10.46
C TYR B 130 29.19 -21.67 9.14
N ALA B 131 28.09 -22.42 9.17
CA ALA B 131 27.28 -22.62 7.97
C ALA B 131 26.59 -21.32 7.53
N GLU B 132 26.14 -20.52 8.48
CA GLU B 132 25.53 -19.22 8.22
C GLU B 132 26.50 -18.27 7.52
N ILE B 133 27.72 -18.21 8.04
CA ILE B 133 28.75 -17.33 7.49
C ILE B 133 29.07 -17.73 6.06
N ALA B 134 29.29 -19.03 5.86
CA ALA B 134 29.48 -19.59 4.53
C ALA B 134 28.32 -19.22 3.61
N SER B 135 27.09 -19.37 4.09
CA SER B 135 25.91 -19.09 3.27
C SER B 135 25.77 -17.63 2.87
N ARG B 136 26.41 -16.73 3.62
CA ARG B 136 26.27 -15.29 3.41
C ARG B 136 27.44 -14.70 2.61
N TYR B 137 28.15 -15.56 1.88
CA TYR B 137 29.24 -15.12 1.03
C TYR B 137 28.68 -14.31 -0.14
N LEU B 138 28.89 -13.00 -0.05
CA LEU B 138 28.28 -12.04 -0.98
C LEU B 138 28.58 -12.35 -2.45
N LYS B 139 29.83 -12.65 -2.76
CA LYS B 139 30.27 -12.82 -4.15
C LYS B 139 30.16 -14.25 -4.67
N ALA B 140 29.55 -15.15 -3.89
CA ALA B 140 29.33 -16.51 -4.36
C ALA B 140 28.51 -16.45 -5.63
N ASP B 141 28.78 -17.37 -6.54
CA ASP B 141 28.08 -17.41 -7.83
C ASP B 141 27.10 -18.57 -7.92
N SER B 142 26.71 -19.12 -6.76
CA SER B 142 25.74 -20.22 -6.72
C SER B 142 25.22 -20.52 -5.33
N LYS B 143 24.07 -21.18 -5.27
CA LYS B 143 23.54 -21.73 -4.03
C LYS B 143 23.98 -23.18 -3.82
N ASP B 144 25.10 -23.56 -4.45
CA ASP B 144 25.72 -24.86 -4.23
C ASP B 144 26.70 -24.80 -3.07
N VAL B 145 26.66 -25.79 -2.19
CA VAL B 145 27.54 -25.81 -1.02
C VAL B 145 27.99 -27.22 -0.65
N LEU B 146 29.30 -27.38 -0.42
CA LEU B 146 29.90 -28.66 -0.01
C LEU B 146 30.08 -28.68 1.50
N VAL B 147 29.50 -29.69 2.16
CA VAL B 147 29.67 -29.91 3.59
C VAL B 147 30.54 -31.15 3.78
N VAL B 148 31.67 -31.00 4.47
CA VAL B 148 32.56 -32.11 4.76
C VAL B 148 32.65 -32.30 6.27
N GLY B 149 32.21 -33.46 6.73
CA GLY B 149 31.99 -33.68 8.15
C GLY B 149 30.50 -33.50 8.45
N LEU B 150 29.83 -34.58 8.83
CA LEU B 150 28.40 -34.54 9.16
C LEU B 150 28.17 -35.07 10.57
N GLY B 151 29.05 -34.68 11.50
CA GLY B 151 28.98 -35.11 12.89
C GLY B 151 28.18 -34.15 13.74
N LYS B 152 28.56 -34.02 15.01
CA LYS B 152 27.84 -33.16 15.94
C LYS B 152 27.77 -31.71 15.49
N VAL B 153 28.83 -31.22 14.85
CA VAL B 153 28.89 -29.85 14.33
C VAL B 153 28.33 -29.75 12.90
N GLY B 154 28.75 -30.68 12.04
CA GLY B 154 28.44 -30.58 10.62
C GLY B 154 26.99 -30.83 10.22
N PHE B 155 26.34 -31.75 10.92
CA PHE B 155 24.95 -32.08 10.61
C PHE B 155 24.01 -30.90 10.88
N PRO B 156 24.12 -30.24 12.05
CA PRO B 156 23.31 -29.03 12.25
C PRO B 156 23.62 -27.95 11.20
N GLY B 157 24.89 -27.78 10.87
CA GLY B 157 25.29 -26.82 9.83
C GLY B 157 24.67 -27.12 8.49
N ALA B 158 24.77 -28.38 8.06
CA ALA B 158 24.17 -28.80 6.79
C ALA B 158 22.65 -28.63 6.81
N GLU B 159 22.04 -28.91 7.96
CA GLU B 159 20.60 -28.78 8.13
C GLU B 159 20.19 -27.32 7.96
N HIS B 160 20.94 -26.43 8.60
CA HIS B 160 20.75 -24.99 8.44
C HIS B 160 20.81 -24.54 6.97
N LEU B 161 21.79 -25.05 6.22
CA LEU B 161 21.93 -24.71 4.81
C LEU B 161 20.75 -25.19 3.95
N VAL B 162 20.22 -26.37 4.27
CA VAL B 162 19.05 -26.91 3.57
C VAL B 162 17.83 -26.04 3.83
N GLN B 163 17.62 -25.68 5.08
CA GLN B 163 16.50 -24.80 5.46
C GLN B 163 16.58 -23.43 4.80
N LYS B 164 17.79 -22.94 4.50
CA LYS B 164 17.94 -21.71 3.73
C LYS B 164 17.95 -21.96 2.22
N ASP B 165 17.46 -23.13 1.80
CA ASP B 165 17.24 -23.47 0.40
C ASP B 165 18.51 -23.43 -0.47
N PHE B 166 19.64 -23.82 0.11
CA PHE B 166 20.84 -24.09 -0.68
C PHE B 166 20.77 -25.52 -1.20
N ARG B 167 21.51 -25.82 -2.26
CA ARG B 167 21.65 -27.19 -2.71
C ARG B 167 22.92 -27.77 -2.12
N VAL B 168 22.74 -28.59 -1.09
CA VAL B 168 23.82 -29.06 -0.22
C VAL B 168 24.42 -30.38 -0.70
N TYR B 169 25.72 -30.35 -1.02
CA TYR B 169 26.47 -31.57 -1.27
C TYR B 169 27.19 -31.97 0.02
N GLY B 170 27.15 -33.25 0.36
CA GLY B 170 27.67 -33.73 1.64
C GLY B 170 28.60 -34.93 1.53
N TYR B 171 29.62 -34.95 2.39
CA TYR B 171 30.50 -36.11 2.52
C TYR B 171 31.01 -36.26 3.94
N ASP B 172 31.06 -37.52 4.38
CA ASP B 172 31.60 -37.92 5.67
C ASP B 172 32.27 -39.26 5.44
N ALA B 173 33.46 -39.45 6.00
CA ALA B 173 34.19 -40.72 5.82
C ALA B 173 33.42 -41.91 6.41
N ASP B 174 32.58 -41.66 7.42
CA ASP B 174 31.67 -42.67 7.95
C ASP B 174 30.45 -42.79 7.03
N GLU B 175 30.38 -43.91 6.30
CA GLU B 175 29.31 -44.16 5.33
C GLU B 175 27.92 -44.21 5.97
N THR B 176 27.84 -44.63 7.22
CA THR B 176 26.56 -44.77 7.90
C THR B 176 26.03 -43.42 8.36
N LEU B 177 26.92 -42.47 8.68
CA LEU B 177 26.54 -41.08 8.92
C LEU B 177 26.15 -40.37 7.64
N LEU B 178 26.82 -40.70 6.55
CA LEU B 178 26.52 -40.10 5.26
C LEU B 178 25.11 -40.49 4.81
N GLU B 179 24.77 -41.77 5.00
CA GLU B 179 23.43 -42.29 4.71
C GLU B 179 22.35 -41.61 5.55
N ARG B 180 22.61 -41.51 6.85
CA ARG B 180 21.66 -40.86 7.76
C ARG B 180 21.45 -39.41 7.39
N ALA B 181 22.52 -38.74 6.98
CA ALA B 181 22.44 -37.36 6.53
C ALA B 181 21.59 -37.26 5.27
N THR B 182 21.86 -38.13 4.29
CA THR B 182 21.15 -38.10 3.01
C THR B 182 19.65 -38.31 3.15
N SER B 183 19.23 -39.28 3.97
CA SER B 183 17.81 -39.59 4.12
C SER B 183 17.09 -38.59 5.01
N ASN B 184 17.74 -38.12 6.07
CA ASN B 184 17.11 -37.18 7.01
C ASN B 184 17.08 -35.73 6.57
N LEU B 185 18.05 -35.33 5.74
CA LEU B 185 18.15 -33.95 5.26
C LEU B 185 17.91 -33.80 3.77
N GLY B 186 17.89 -34.91 3.03
CA GLY B 186 17.79 -34.85 1.57
C GLY B 186 18.99 -34.19 0.91
N ILE B 187 20.13 -34.22 1.59
CA ILE B 187 21.37 -33.67 1.01
C ILE B 187 21.87 -34.61 -0.09
N ILE B 188 22.72 -34.08 -0.95
CA ILE B 188 23.24 -34.83 -2.08
C ILE B 188 24.58 -35.45 -1.69
N PRO B 189 24.65 -36.79 -1.65
CA PRO B 189 25.91 -37.40 -1.29
C PRO B 189 26.97 -37.11 -2.34
N PHE B 190 28.07 -36.50 -1.89
CA PHE B 190 29.14 -36.08 -2.79
C PHE B 190 30.22 -37.14 -2.90
N ASP B 191 30.47 -37.58 -4.13
CA ASP B 191 31.55 -38.53 -4.43
C ASP B 191 32.79 -37.73 -4.81
N PRO B 192 33.91 -37.93 -4.10
CA PRO B 192 35.15 -37.25 -4.52
C PRO B 192 35.63 -37.66 -5.92
N ALA B 193 35.26 -38.88 -6.35
CA ALA B 193 35.63 -39.41 -7.67
C ALA B 193 34.91 -38.72 -8.84
N ASN B 194 33.75 -38.13 -8.56
CA ASN B 194 33.08 -37.25 -9.52
C ASN B 194 33.05 -35.82 -8.98
N PRO B 195 34.25 -35.22 -8.82
CA PRO B 195 34.32 -33.95 -8.11
C PRO B 195 33.71 -32.83 -8.94
N LYS B 196 33.36 -31.74 -8.27
CA LYS B 196 32.93 -30.53 -8.93
C LYS B 196 33.42 -29.34 -8.12
N LYS B 197 33.48 -28.18 -8.76
CA LYS B 197 34.02 -26.97 -8.15
C LYS B 197 32.97 -26.25 -7.30
N PHE B 198 33.40 -25.74 -6.14
CA PHE B 198 32.50 -25.08 -5.19
C PHE B 198 33.06 -23.71 -4.81
N SER B 199 32.17 -22.72 -4.68
CA SER B 199 32.55 -21.41 -4.14
C SER B 199 32.22 -21.28 -2.65
N ILE B 200 31.42 -22.22 -2.13
CA ILE B 200 31.06 -22.27 -0.71
C ILE B 200 31.32 -23.67 -0.15
N ILE B 201 32.20 -23.75 0.84
CA ILE B 201 32.58 -25.00 1.48
C ILE B 201 32.55 -24.81 2.99
N PHE B 202 31.87 -25.72 3.68
CA PHE B 202 31.84 -25.72 5.13
C PHE B 202 32.44 -27.04 5.58
N GLU B 203 33.46 -26.99 6.44
CA GLU B 203 34.16 -28.20 6.90
C GLU B 203 34.13 -28.33 8.41
N ALA B 204 33.77 -29.51 8.90
CA ALA B 204 33.72 -29.79 10.33
C ALA B 204 34.25 -31.20 10.66
N THR B 205 35.57 -31.36 10.58
CA THR B 205 36.25 -32.60 10.99
C THR B 205 37.46 -32.27 11.88
N PRO B 206 37.97 -33.27 12.63
CA PRO B 206 39.19 -33.11 13.39
C PRO B 206 40.46 -33.50 12.63
N CYS B 207 40.42 -33.46 11.29
CA CYS B 207 41.52 -33.95 10.46
C CYS B 207 42.05 -32.92 9.47
N ALA B 208 43.32 -33.06 9.12
CA ALA B 208 43.97 -32.20 8.14
C ALA B 208 43.64 -32.65 6.73
N ASN B 209 43.89 -31.76 5.76
CA ASN B 209 43.85 -32.12 4.34
C ASN B 209 42.59 -32.86 3.89
N THR B 210 41.42 -32.36 4.29
CA THR B 210 40.15 -33.02 3.95
C THR B 210 39.46 -32.45 2.72
N ILE B 211 39.87 -31.26 2.29
CA ILE B 211 39.29 -30.63 1.10
C ILE B 211 40.22 -30.86 -0.09
N PRO B 212 39.80 -31.71 -1.05
CA PRO B 212 40.67 -32.02 -2.18
C PRO B 212 40.80 -30.83 -3.14
N GLU B 213 41.96 -30.71 -3.78
CA GLU B 213 42.25 -29.57 -4.65
C GLU B 213 41.18 -29.35 -5.74
N ALA B 214 40.67 -30.44 -6.31
CA ALA B 214 39.70 -30.37 -7.41
C ALA B 214 38.31 -29.84 -7.03
N VAL B 215 38.10 -29.53 -5.76
CA VAL B 215 36.82 -29.03 -5.26
C VAL B 215 36.86 -27.50 -5.09
N LEU B 216 38.07 -26.93 -5.18
CA LEU B 216 38.28 -25.51 -4.93
C LEU B 216 38.16 -24.70 -6.21
N SER B 217 37.41 -23.60 -6.13
CA SER B 217 37.44 -22.56 -7.16
C SER B 217 38.20 -21.38 -6.56
N GLU B 218 38.53 -20.39 -7.39
CA GLU B 218 39.29 -19.24 -6.93
C GLU B 218 38.47 -18.37 -5.99
N ASN B 219 39.14 -17.87 -4.94
CA ASN B 219 38.53 -16.96 -3.96
C ASN B 219 37.40 -17.56 -3.12
N CYS B 220 37.21 -18.87 -3.20
CA CYS B 220 36.07 -19.53 -2.56
C CYS B 220 36.16 -19.44 -1.04
N VAL B 221 35.01 -19.54 -0.39
CA VAL B 221 34.96 -19.49 1.08
C VAL B 221 35.09 -20.89 1.65
N LEU B 222 36.01 -21.03 2.60
CA LEU B 222 36.14 -22.22 3.42
C LEU B 222 35.91 -21.83 4.87
N SER B 223 34.76 -22.24 5.40
CA SER B 223 34.33 -21.89 6.74
C SER B 223 34.45 -23.15 7.57
N THR B 224 35.40 -23.18 8.50
CA THR B 224 35.72 -24.43 9.19
C THR B 224 36.08 -24.21 10.66
N PRO B 225 35.26 -24.76 11.57
CA PRO B 225 35.64 -24.81 12.99
C PRO B 225 36.63 -25.92 13.30
N GLY B 226 36.78 -26.88 12.39
CA GLY B 226 37.64 -28.03 12.60
C GLY B 226 39.10 -27.69 12.89
N ILE B 227 39.76 -28.58 13.63
CA ILE B 227 41.17 -28.42 14.01
C ILE B 227 41.84 -29.79 13.86
N PRO B 228 43.00 -29.87 13.19
CA PRO B 228 43.77 -28.82 12.52
C PRO B 228 43.08 -28.32 11.25
N CYS B 229 43.79 -27.52 10.46
CA CYS B 229 43.19 -26.91 9.27
C CYS B 229 42.95 -27.92 8.16
N ALA B 230 41.84 -27.71 7.45
CA ALA B 230 41.34 -28.66 6.46
C ALA B 230 42.09 -28.57 5.13
N ILE B 231 42.77 -27.46 4.89
CA ILE B 231 43.62 -27.33 3.71
C ILE B 231 45.00 -26.78 4.08
N SER B 232 46.00 -27.12 3.26
CA SER B 232 47.36 -26.68 3.45
C SER B 232 47.50 -25.17 3.23
N GLU B 233 48.57 -24.61 3.77
CA GLU B 233 48.89 -23.19 3.58
C GLU B 233 49.11 -22.89 2.09
N GLU B 234 49.57 -23.90 1.35
CA GLU B 234 49.87 -23.77 -0.08
C GLU B 234 48.65 -23.85 -1.00
N LEU B 235 47.68 -24.69 -0.67
CA LEU B 235 46.40 -24.72 -1.42
C LEU B 235 45.61 -23.45 -1.11
N ARG B 236 45.70 -23.02 0.15
CA ARG B 236 45.02 -21.81 0.60
C ARG B 236 45.54 -20.59 -0.16
N ASP B 237 46.87 -20.48 -0.26
CA ASP B 237 47.49 -19.39 -1.01
C ASP B 237 47.28 -19.56 -2.52
N LYS B 238 47.36 -20.79 -3.01
CA LYS B 238 47.18 -21.10 -4.44
C LYS B 238 45.84 -20.64 -4.97
N TYR B 239 44.76 -21.02 -4.30
CA TYR B 239 43.40 -20.67 -4.75
C TYR B 239 42.88 -19.40 -4.08
N GLU B 240 43.74 -18.73 -3.32
CA GLU B 240 43.40 -17.51 -2.59
C GLU B 240 42.11 -17.69 -1.79
N VAL B 241 42.06 -18.78 -1.03
CA VAL B 241 40.86 -19.18 -0.31
C VAL B 241 40.54 -18.20 0.83
N GLN B 242 39.26 -17.86 0.97
CA GLN B 242 38.81 -17.02 2.06
C GLN B 242 38.45 -17.91 3.25
N LEU B 243 39.43 -18.06 4.13
CA LEU B 243 39.34 -18.99 5.23
C LEU B 243 38.66 -18.34 6.42
N ILE B 244 37.67 -19.00 6.98
CA ILE B 244 37.11 -18.60 8.27
C ILE B 244 37.34 -19.79 9.19
N ALA B 245 38.22 -19.58 10.16
CA ALA B 245 38.67 -20.67 11.02
C ALA B 245 39.22 -20.06 12.29
N GLU B 246 38.65 -20.48 13.41
CA GLU B 246 38.91 -19.82 14.67
C GLU B 246 38.47 -20.80 15.77
N PRO B 247 39.29 -20.98 16.81
CA PRO B 247 39.14 -22.15 17.70
C PRO B 247 38.01 -22.16 18.72
N LEU B 248 37.44 -21.02 19.07
CA LEU B 248 36.51 -20.99 20.21
C LEU B 248 35.50 -19.83 20.19
N GLY B 249 35.97 -18.66 19.77
CA GLY B 249 35.21 -17.41 19.88
C GLY B 249 33.94 -17.31 19.06
N ILE B 250 34.00 -17.72 17.80
CA ILE B 250 32.83 -17.65 16.92
C ILE B 250 31.70 -18.56 17.41
N GLY B 251 32.03 -19.78 17.83
CA GLY B 251 31.04 -20.68 18.39
C GLY B 251 30.44 -20.18 19.70
N THR B 252 31.27 -19.57 20.53
CA THR B 252 30.84 -19.01 21.82
C THR B 252 29.88 -17.83 21.64
N ALA B 253 30.21 -16.91 20.73
CA ALA B 253 29.31 -15.80 20.38
C ALA B 253 27.95 -16.33 19.94
N SER B 254 27.97 -17.32 19.06
CA SER B 254 26.73 -17.96 18.60
C SER B 254 25.92 -18.52 19.79
N MET B 255 26.56 -19.21 20.74
CA MET B 255 25.84 -19.75 21.92
C MET B 255 25.19 -18.61 22.73
N LEU B 256 25.94 -17.52 22.90
CA LEU B 256 25.51 -16.44 23.79
C LEU B 256 24.35 -15.67 23.19
N TYR B 257 24.46 -15.34 21.91
CA TYR B 257 23.38 -14.65 21.20
C TYR B 257 22.12 -15.53 21.08
N SER B 258 22.29 -16.85 21.06
CA SER B 258 21.15 -17.77 20.99
C SER B 258 20.34 -17.86 22.30
N VAL B 259 20.96 -17.58 23.45
CA VAL B 259 20.25 -17.63 24.73
C VAL B 259 19.75 -16.26 25.21
N LEU B 260 20.07 -15.19 24.49
CA LEU B 260 19.56 -13.86 24.87
C LEU B 260 18.07 -13.75 24.58
N ILE C 13 -17.56 7.17 18.42
CA ILE C 13 -18.97 7.61 18.16
C ILE C 13 -19.42 8.68 19.15
N ASN C 14 -20.38 8.36 20.03
CA ASN C 14 -20.96 9.33 20.96
C ASN C 14 -19.92 10.11 21.77
N MET C 15 -19.08 9.37 22.50
CA MET C 15 -18.11 9.97 23.43
C MET C 15 -17.18 10.98 22.76
N GLN C 16 -16.57 10.60 21.64
CA GLN C 16 -15.60 11.46 20.94
C GLN C 16 -16.21 12.77 20.43
N LEU C 17 -17.50 12.74 20.08
CA LEU C 17 -18.23 13.93 19.60
C LEU C 17 -18.90 14.71 20.74
N GLN C 18 -19.41 14.00 21.74
CA GLN C 18 -20.05 14.64 22.90
C GLN C 18 -19.03 15.38 23.77
N LYS C 19 -17.83 14.82 23.90
CA LYS C 19 -16.72 15.49 24.59
C LYS C 19 -16.26 16.72 23.79
N ALA C 20 -16.19 16.56 22.46
CA ALA C 20 -15.84 17.65 21.56
C ALA C 20 -16.86 18.79 21.59
N ASP C 21 -18.11 18.46 21.87
CA ASP C 21 -19.18 19.46 21.97
C ASP C 21 -18.98 20.32 23.23
N SER C 22 -18.62 19.67 24.33
CA SER C 22 -18.26 20.37 25.57
C SER C 22 -17.05 21.28 25.35
N ALA C 23 -16.01 20.73 24.72
CA ALA C 23 -14.79 21.47 24.42
C ALA C 23 -15.08 22.76 23.64
N VAL C 24 -15.87 22.64 22.57
CA VAL C 24 -16.24 23.78 21.74
C VAL C 24 -17.11 24.77 22.52
N GLN C 25 -17.94 24.24 23.42
CA GLN C 25 -18.72 25.07 24.34
C GLN C 25 -17.79 25.88 25.26
N GLU C 26 -16.84 25.19 25.88
CA GLU C 26 -15.86 25.83 26.76
C GLU C 26 -15.10 26.97 26.09
N VAL C 27 -14.67 26.76 24.84
CA VAL C 27 -13.88 27.74 24.12
C VAL C 27 -14.72 28.91 23.61
N THR C 28 -15.87 28.61 23.00
CA THR C 28 -16.66 29.62 22.28
C THR C 28 -17.95 30.05 22.96
N GLY C 29 -18.52 29.19 23.81
CA GLY C 29 -19.83 29.46 24.42
C GLY C 29 -20.96 28.80 23.65
N LEU C 30 -20.83 28.74 22.33
CA LEU C 30 -21.78 28.03 21.47
C LEU C 30 -21.39 26.56 21.39
N ASP C 31 -22.40 25.69 21.25
CA ASP C 31 -22.14 24.28 20.95
C ASP C 31 -21.97 24.12 19.44
N ILE C 32 -21.78 22.88 18.98
CA ILE C 32 -21.46 22.65 17.56
C ILE C 32 -22.60 23.07 16.64
N LYS C 33 -23.83 22.68 16.99
CA LYS C 33 -25.02 23.13 16.27
C LYS C 33 -25.13 24.66 16.30
N GLY C 34 -24.72 25.27 17.41
CA GLY C 34 -24.69 26.72 17.55
C GLY C 34 -23.66 27.42 16.68
N ILE C 35 -22.48 26.83 16.54
CA ILE C 35 -21.44 27.35 15.65
C ILE C 35 -21.91 27.29 14.19
N CYS C 36 -22.58 26.19 13.85
CA CYS C 36 -23.15 26.02 12.52
C CYS C 36 -24.23 27.06 12.24
N LYS C 37 -25.07 27.34 13.24
CA LYS C 37 -26.09 28.38 13.13
C LYS C 37 -25.47 29.75 12.83
N ALA C 38 -24.35 30.05 13.49
CA ALA C 38 -23.65 31.32 13.28
C ALA C 38 -23.03 31.44 11.88
N LEU C 39 -22.61 30.31 11.32
CA LEU C 39 -21.93 30.30 10.02
C LEU C 39 -22.91 30.38 8.85
N TYR C 40 -23.87 29.48 8.84
CA TYR C 40 -24.76 29.28 7.69
C TYR C 40 -26.19 29.77 7.93
N GLY C 41 -26.55 30.00 9.19
CA GLY C 41 -27.85 30.55 9.54
C GLY C 41 -28.99 29.55 9.50
N THR C 42 -28.70 28.27 9.76
CA THR C 42 -29.70 27.21 9.62
C THR C 42 -29.90 26.38 10.89
N PHE C 43 -31.08 25.74 10.98
CA PHE C 43 -31.35 24.72 11.99
C PHE C 43 -31.64 23.40 11.31
N SER C 44 -31.46 22.31 12.04
CA SER C 44 -31.91 20.99 11.61
C SER C 44 -33.44 20.93 11.61
N SER C 45 -33.99 20.12 10.71
CA SER C 45 -35.45 19.91 10.64
C SER C 45 -35.77 18.42 10.53
N SER C 46 -34.94 17.58 11.16
CA SER C 46 -35.03 16.12 11.01
C SER C 46 -34.99 15.71 9.54
N GLU C 47 -34.06 16.30 8.79
CA GLU C 47 -33.93 15.99 7.37
C GLU C 47 -33.52 14.53 7.16
N LYS C 48 -34.05 13.94 6.08
CA LYS C 48 -33.79 12.55 5.76
C LYS C 48 -32.49 12.46 4.97
N VAL C 49 -31.46 11.90 5.58
CA VAL C 49 -30.12 11.89 4.98
C VAL C 49 -29.69 10.46 4.64
N GLY C 50 -29.34 10.26 3.38
CA GLY C 50 -28.98 8.93 2.86
C GLY C 50 -27.48 8.77 2.73
N ILE C 51 -26.93 7.76 3.40
CA ILE C 51 -25.49 7.51 3.41
C ILE C 51 -25.17 6.35 2.47
N VAL C 52 -24.34 6.63 1.47
CA VAL C 52 -24.02 5.66 0.42
C VAL C 52 -22.57 5.18 0.56
N PRO C 53 -22.38 3.89 0.91
CA PRO C 53 -21.04 3.31 0.86
C PRO C 53 -20.47 3.31 -0.55
N VAL C 54 -19.18 3.58 -0.68
CA VAL C 54 -18.53 3.71 -2.00
C VAL C 54 -17.26 2.85 -2.05
N THR C 55 -17.23 1.92 -3.00
CA THR C 55 -16.12 0.97 -3.14
C THR C 55 -15.02 1.47 -4.10
N SER C 56 -15.14 2.72 -4.53
CA SER C 56 -14.20 3.32 -5.48
C SER C 56 -12.82 3.52 -4.86
N GLY C 57 -11.79 3.02 -5.53
CA GLY C 57 -10.42 3.14 -5.04
C GLY C 57 -10.13 2.16 -3.92
N ASN C 58 -9.59 2.67 -2.81
CA ASN C 58 -9.21 1.84 -1.67
C ASN C 58 -10.41 1.10 -1.04
N GLY C 59 -11.61 1.55 -1.37
CA GLY C 59 -12.83 0.81 -1.06
C GLY C 59 -13.53 1.30 0.20
N ILE C 60 -14.43 0.47 0.70
CA ILE C 60 -15.18 0.78 1.92
C ILE C 60 -14.25 0.82 3.12
N ILE C 61 -14.18 1.98 3.77
CA ILE C 61 -13.47 2.11 5.04
C ILE C 61 -14.37 1.57 6.15
N GLY C 62 -13.80 0.73 7.01
CA GLY C 62 -14.56 0.09 8.07
C GLY C 62 -15.09 1.10 9.07
N ASN C 63 -16.36 0.94 9.44
CA ASN C 63 -17.05 1.85 10.37
C ASN C 63 -17.27 3.28 9.86
N PHE C 64 -17.01 3.53 8.59
CA PHE C 64 -17.17 4.88 8.04
C PHE C 64 -18.65 5.24 7.91
N SER C 65 -19.44 4.34 7.34
CA SER C 65 -20.88 4.57 7.18
C SER C 65 -21.62 4.47 8.53
N ALA C 66 -21.11 3.61 9.42
CA ALA C 66 -21.66 3.51 10.78
C ALA C 66 -21.44 4.81 11.56
N SER C 67 -20.21 5.33 11.48
CA SER C 67 -19.86 6.60 12.14
C SER C 67 -20.73 7.75 11.65
N LEU C 68 -20.82 7.90 10.33
CA LEU C 68 -21.67 8.93 9.73
C LEU C 68 -23.13 8.76 10.13
N HIS C 69 -23.54 7.52 10.40
CA HIS C 69 -24.89 7.23 10.91
C HIS C 69 -25.03 7.82 12.32
N ALA C 70 -24.13 7.44 13.21
CA ALA C 70 -24.12 7.94 14.60
C ALA C 70 -23.98 9.46 14.65
N ILE C 71 -23.06 9.98 13.84
CA ILE C 71 -22.81 11.42 13.76
C ILE C 71 -24.06 12.19 13.33
N THR C 72 -24.74 11.71 12.29
CA THR C 72 -25.96 12.34 11.80
C THR C 72 -27.13 12.19 12.78
N GLN C 73 -27.21 11.05 13.45
CA GLN C 73 -28.24 10.83 14.47
C GLN C 73 -28.05 11.74 15.67
N TYR C 74 -26.79 12.02 16.00
CA TYR C 74 -26.44 12.88 17.13
C TYR C 74 -26.92 14.32 16.91
N PHE C 75 -26.86 14.80 15.67
CA PHE C 75 -27.28 16.16 15.35
C PHE C 75 -28.75 16.26 14.89
N GLY C 76 -29.53 15.20 15.12
CA GLY C 76 -30.98 15.25 14.92
C GLY C 76 -31.46 15.00 13.50
N PHE C 77 -30.67 14.32 12.68
CA PHE C 77 -31.05 14.01 11.30
C PHE C 77 -31.65 12.61 11.20
N ASP C 78 -32.58 12.42 10.26
CA ASP C 78 -33.25 11.14 10.04
C ASP C 78 -32.45 10.32 9.03
N SER C 79 -31.34 9.74 9.50
CA SER C 79 -30.36 9.10 8.62
C SER C 79 -30.60 7.61 8.41
N PHE C 80 -29.99 7.09 7.34
CA PHE C 80 -29.94 5.65 7.09
C PHE C 80 -28.77 5.32 6.17
N VAL C 81 -28.39 4.04 6.14
CA VAL C 81 -27.27 3.57 5.33
C VAL C 81 -27.80 2.57 4.32
N THR C 82 -27.48 2.78 3.04
CA THR C 82 -27.97 1.92 1.97
C THR C 82 -27.27 0.57 2.01
N ASP C 83 -28.04 -0.49 1.74
CA ASP C 83 -27.51 -1.85 1.68
C ASP C 83 -26.54 -1.99 0.53
N MET C 84 -26.89 -1.40 -0.61
CA MET C 84 -26.04 -1.42 -1.79
C MET C 84 -25.07 -0.23 -1.78
N PRO C 85 -23.91 -0.38 -2.44
CA PRO C 85 -22.94 0.70 -2.56
C PRO C 85 -22.97 1.37 -3.94
N ASP C 86 -22.26 2.49 -4.05
CA ASP C 86 -22.02 3.15 -5.33
C ASP C 86 -23.34 3.60 -6.01
N VAL C 87 -23.53 3.30 -7.29
CA VAL C 87 -24.70 3.80 -8.03
C VAL C 87 -25.96 3.04 -7.66
N SER C 88 -25.84 1.74 -7.41
CA SER C 88 -26.97 0.93 -6.93
C SER C 88 -27.45 1.46 -5.58
N GLY C 89 -26.50 1.88 -4.73
CA GLY C 89 -26.80 2.49 -3.44
C GLY C 89 -27.39 3.90 -3.56
N TYR C 90 -26.92 4.65 -4.54
CA TYR C 90 -27.46 5.98 -4.85
C TYR C 90 -28.92 5.89 -5.26
N TYR C 91 -29.21 4.94 -6.15
CA TYR C 91 -30.58 4.66 -6.58
C TYR C 91 -31.43 4.32 -5.36
N GLU C 92 -30.94 3.38 -4.55
CA GLU C 92 -31.64 2.94 -3.35
C GLU C 92 -31.90 4.09 -2.38
N ALA C 93 -30.92 5.00 -2.24
CA ALA C 93 -31.06 6.17 -1.38
C ALA C 93 -32.22 7.06 -1.83
N VAL C 94 -32.21 7.44 -3.11
CA VAL C 94 -33.21 8.33 -3.66
C VAL C 94 -34.58 7.65 -3.69
N GLN C 95 -34.59 6.36 -4.00
CA GLN C 95 -35.82 5.55 -3.97
C GLN C 95 -36.49 5.57 -2.58
N ASN C 96 -35.67 5.55 -1.53
CA ASN C 96 -36.19 5.52 -0.15
C ASN C 96 -36.32 6.91 0.48
N GLY C 97 -36.24 7.95 -0.34
CA GLY C 97 -36.65 9.29 0.06
C GLY C 97 -35.61 10.10 0.82
N ALA C 98 -34.35 9.93 0.46
CA ALA C 98 -33.29 10.77 1.03
C ALA C 98 -33.44 12.19 0.51
N GLU C 99 -33.44 13.16 1.43
CA GLU C 99 -33.44 14.57 1.06
C GLU C 99 -32.00 15.03 0.82
N ILE C 100 -31.07 14.47 1.59
CA ILE C 100 -29.65 14.79 1.46
C ILE C 100 -28.86 13.49 1.27
N ILE C 101 -27.97 13.49 0.29
CA ILE C 101 -27.10 12.33 0.03
C ILE C 101 -25.72 12.61 0.61
N LEU C 102 -25.18 11.61 1.31
CA LEU C 102 -23.89 11.73 1.98
C LEU C 102 -22.99 10.57 1.54
N MET C 103 -22.01 10.88 0.68
CA MET C 103 -21.14 9.85 0.11
C MET C 103 -19.74 10.40 -0.17
N ALA C 104 -18.77 9.49 -0.28
CA ALA C 104 -17.37 9.88 -0.45
C ALA C 104 -16.55 8.84 -1.21
N ASP C 105 -15.65 9.31 -2.07
CA ASP C 105 -14.56 8.47 -2.58
C ASP C 105 -13.24 8.97 -1.98
N ASP C 106 -12.11 8.55 -2.54
CA ASP C 106 -10.80 8.89 -1.97
C ASP C 106 -10.44 10.38 -2.12
N ARG C 107 -10.97 11.02 -3.15
CA ARG C 107 -10.68 12.43 -3.42
C ARG C 107 -11.72 13.36 -2.79
N THR C 108 -13.00 13.10 -3.05
CA THR C 108 -14.09 13.98 -2.62
C THR C 108 -15.04 13.28 -1.65
N PHE C 109 -15.46 14.02 -0.63
CA PHE C 109 -16.52 13.61 0.31
C PHE C 109 -17.54 14.73 0.30
N LEU C 110 -18.76 14.43 -0.16
CA LEU C 110 -19.78 15.45 -0.37
C LEU C 110 -21.08 15.20 0.38
N ALA C 111 -21.85 16.27 0.54
CA ALA C 111 -23.21 16.22 1.03
C ALA C 111 -24.07 16.96 0.00
N HIS C 112 -25.05 16.29 -0.59
CA HIS C 112 -25.86 16.90 -1.64
C HIS C 112 -27.33 17.02 -1.27
N ASN C 113 -27.77 18.26 -1.04
CA ASN C 113 -29.16 18.53 -0.69
C ASN C 113 -30.03 18.57 -1.94
N LEU C 114 -30.89 17.57 -2.06
CA LEU C 114 -31.78 17.44 -3.22
C LEU C 114 -33.01 18.35 -3.15
N LYS C 115 -33.14 19.09 -2.05
CA LYS C 115 -34.29 19.96 -1.84
C LYS C 115 -34.01 21.37 -2.37
N ASN C 116 -32.78 21.84 -2.20
CA ASN C 116 -32.40 23.19 -2.67
C ASN C 116 -31.25 23.24 -3.67
N GLY C 117 -30.66 22.09 -4.00
CA GLY C 117 -29.56 22.02 -4.96
C GLY C 117 -28.19 22.36 -4.39
N LYS C 118 -28.12 22.71 -3.10
CA LYS C 118 -26.86 23.08 -2.46
C LYS C 118 -25.98 21.85 -2.23
N MET C 119 -24.69 21.98 -2.54
CA MET C 119 -23.73 20.91 -2.38
C MET C 119 -22.52 21.40 -1.59
N ALA C 120 -21.96 20.54 -0.75
CA ALA C 120 -20.84 20.89 0.11
C ALA C 120 -19.67 19.93 -0.06
N ASN C 121 -18.46 20.48 -0.04
CA ASN C 121 -17.24 19.69 -0.06
C ASN C 121 -16.63 19.68 1.34
N ASN C 122 -16.31 18.49 1.81
CA ASN C 122 -15.82 18.27 3.17
C ASN C 122 -14.62 19.13 3.56
N GLN C 123 -13.68 19.30 2.62
CA GLN C 123 -12.43 19.99 2.89
C GLN C 123 -12.61 21.47 3.26
N PRO C 124 -13.25 22.27 2.37
CA PRO C 124 -13.51 23.66 2.76
C PRO C 124 -14.42 23.81 3.99
N CYS C 125 -15.46 22.99 4.09
CA CYS C 125 -16.37 23.05 5.24
C CYS C 125 -15.63 22.83 6.56
N THR C 126 -14.72 21.86 6.56
CA THR C 126 -13.91 21.53 7.75
C THR C 126 -12.96 22.67 8.11
N GLY C 127 -12.31 23.25 7.11
CA GLY C 127 -11.42 24.40 7.33
C GLY C 127 -12.16 25.58 7.93
N ILE C 128 -13.35 25.84 7.40
CA ILE C 128 -14.18 26.96 7.84
C ILE C 128 -14.66 26.80 9.28
N ILE C 129 -15.19 25.63 9.62
CA ILE C 129 -15.77 25.42 10.96
C ILE C 129 -14.71 25.34 12.07
N TYR C 130 -13.53 24.81 11.77
CA TYR C 130 -12.44 24.79 12.75
C TYR C 130 -11.80 26.17 12.89
N ALA C 131 -11.69 26.89 11.78
CA ALA C 131 -11.24 28.29 11.80
C ALA C 131 -12.24 29.18 12.52
N GLU C 132 -13.53 28.86 12.36
CA GLU C 132 -14.61 29.58 13.03
C GLU C 132 -14.52 29.38 14.54
N ILE C 133 -14.48 28.12 14.96
CA ILE C 133 -14.34 27.78 16.38
C ILE C 133 -13.15 28.50 17.00
N ALA C 134 -12.02 28.51 16.28
CA ALA C 134 -10.81 29.21 16.72
C ALA C 134 -11.00 30.72 16.78
N SER C 135 -11.76 31.28 15.84
CA SER C 135 -12.03 32.71 15.81
C SER C 135 -12.90 33.16 16.99
N ARG C 136 -13.67 32.24 17.56
CA ARG C 136 -14.64 32.57 18.60
C ARG C 136 -14.19 32.23 20.03
N TYR C 137 -12.89 32.04 20.22
CA TYR C 137 -12.34 31.79 21.55
C TYR C 137 -12.58 33.02 22.43
N LEU C 138 -13.36 32.82 23.50
CA LEU C 138 -13.84 33.93 24.34
C LEU C 138 -12.73 34.66 25.10
N LYS C 139 -11.81 33.91 25.70
CA LYS C 139 -10.71 34.49 26.48
C LYS C 139 -9.46 34.72 25.62
N ALA C 140 -9.64 35.34 24.45
CA ALA C 140 -8.53 35.53 23.50
C ALA C 140 -7.58 36.65 23.93
N ASP C 141 -8.03 37.90 23.80
CA ASP C 141 -7.22 39.08 24.10
C ASP C 141 -6.26 39.45 22.95
N SER C 142 -6.52 38.92 21.77
CA SER C 142 -5.73 39.26 20.58
C SER C 142 -6.52 38.94 19.32
N LYS C 143 -6.31 39.74 18.27
CA LYS C 143 -6.94 39.50 16.97
C LYS C 143 -6.04 38.69 16.04
N ASP C 144 -5.02 38.04 16.62
CA ASP C 144 -4.01 37.31 15.86
C ASP C 144 -4.29 35.82 15.86
N VAL C 145 -4.18 35.18 14.69
CA VAL C 145 -4.32 33.74 14.57
C VAL C 145 -3.17 33.17 13.74
N LEU C 146 -2.60 32.07 14.21
CA LEU C 146 -1.58 31.35 13.46
C LEU C 146 -2.23 30.21 12.68
N VAL C 147 -1.94 30.15 11.39
CA VAL C 147 -2.41 29.06 10.54
C VAL C 147 -1.23 28.22 10.10
N VAL C 148 -1.18 26.98 10.58
CA VAL C 148 -0.16 26.01 10.16
C VAL C 148 -0.85 25.00 9.24
N GLY C 149 -0.38 24.94 8.00
CA GLY C 149 -1.01 24.12 6.96
C GLY C 149 -1.94 24.97 6.11
N LEU C 150 -1.63 25.06 4.82
CA LEU C 150 -2.40 25.88 3.88
C LEU C 150 -2.78 25.08 2.62
N GLY C 151 -3.29 23.87 2.85
CA GLY C 151 -3.75 22.98 1.76
C GLY C 151 -5.25 23.13 1.53
N LYS C 152 -5.89 22.04 1.13
CA LYS C 152 -7.32 22.06 0.78
C LYS C 152 -8.23 22.36 1.97
N VAL C 153 -7.81 21.95 3.17
CA VAL C 153 -8.52 22.26 4.42
C VAL C 153 -8.02 23.59 5.00
N GLY C 154 -6.70 23.78 4.98
CA GLY C 154 -6.07 24.96 5.59
C GLY C 154 -6.33 26.29 4.89
N PHE C 155 -6.26 26.31 3.56
CA PHE C 155 -6.42 27.54 2.77
C PHE C 155 -7.78 28.23 2.97
N PRO C 156 -8.90 27.48 2.88
CA PRO C 156 -10.21 28.10 3.14
C PRO C 156 -10.43 28.50 4.61
N GLY C 157 -9.87 27.74 5.54
CA GLY C 157 -9.90 28.10 6.95
C GLY C 157 -9.23 29.45 7.18
N ALA C 158 -8.05 29.62 6.58
CA ALA C 158 -7.34 30.90 6.61
C ALA C 158 -8.17 31.97 5.92
N GLU C 159 -8.66 31.65 4.72
CA GLU C 159 -9.53 32.55 3.95
C GLU C 159 -10.70 33.04 4.81
N HIS C 160 -11.32 32.12 5.54
CA HIS C 160 -12.45 32.43 6.41
C HIS C 160 -12.07 33.37 7.55
N LEU C 161 -10.86 33.20 8.08
CA LEU C 161 -10.34 34.09 9.14
C LEU C 161 -10.04 35.48 8.59
N VAL C 162 -9.39 35.55 7.43
CA VAL C 162 -9.08 36.82 6.76
C VAL C 162 -10.35 37.63 6.43
N GLN C 163 -11.42 36.94 6.03
CA GLN C 163 -12.72 37.61 5.81
C GLN C 163 -13.17 38.35 7.06
N LYS C 164 -13.08 37.67 8.20
CA LYS C 164 -13.30 38.30 9.49
C LYS C 164 -12.11 39.20 9.79
N ASP C 165 -12.25 40.11 10.74
CA ASP C 165 -11.20 41.11 10.98
C ASP C 165 -10.09 40.56 11.87
N PHE C 166 -9.41 39.52 11.39
CA PHE C 166 -8.30 38.91 12.12
C PHE C 166 -6.97 39.10 11.38
N ARG C 167 -5.91 39.26 12.15
CA ARG C 167 -4.56 39.41 11.62
C ARG C 167 -3.93 38.02 11.47
N VAL C 168 -4.04 37.44 10.28
CA VAL C 168 -3.65 36.05 10.07
C VAL C 168 -2.15 35.93 9.76
N TYR C 169 -1.46 35.17 10.60
CA TYR C 169 -0.12 34.70 10.30
C TYR C 169 -0.24 33.28 9.76
N GLY C 170 0.52 32.98 8.71
CA GLY C 170 0.42 31.69 8.03
C GLY C 170 1.76 31.03 7.80
N TYR C 171 1.78 29.71 7.90
CA TYR C 171 2.96 28.93 7.53
C TYR C 171 2.57 27.60 6.87
N ASP C 172 3.25 27.28 5.78
CA ASP C 172 3.18 25.97 5.15
C ASP C 172 4.58 25.60 4.68
N ALA C 173 4.96 24.34 4.88
CA ALA C 173 6.30 23.87 4.52
C ALA C 173 6.54 23.86 3.01
N ASP C 174 5.45 23.86 2.23
CA ASP C 174 5.55 24.02 0.77
C ASP C 174 5.63 25.51 0.45
N GLU C 175 6.80 25.95 -0.02
CA GLU C 175 7.03 27.37 -0.34
C GLU C 175 6.00 27.91 -1.34
N THR C 176 5.72 27.13 -2.39
CA THR C 176 4.77 27.54 -3.43
C THR C 176 3.37 27.78 -2.88
N LEU C 177 2.92 26.94 -1.95
CA LEU C 177 1.62 27.13 -1.29
C LEU C 177 1.61 28.36 -0.37
N LEU C 178 2.72 28.58 0.35
CA LEU C 178 2.83 29.76 1.20
C LEU C 178 2.84 31.03 0.35
N GLU C 179 3.61 31.01 -0.74
CA GLU C 179 3.66 32.12 -1.68
C GLU C 179 2.29 32.41 -2.29
N ARG C 180 1.58 31.35 -2.69
CA ARG C 180 0.24 31.48 -3.26
C ARG C 180 -0.80 31.91 -2.23
N ALA C 181 -0.50 31.72 -0.95
CA ALA C 181 -1.37 32.18 0.14
C ALA C 181 -1.09 33.64 0.51
N THR C 182 0.18 34.05 0.42
CA THR C 182 0.57 35.42 0.78
C THR C 182 -0.03 36.40 -0.23
N SER C 183 0.30 36.21 -1.51
CA SER C 183 -0.47 36.83 -2.58
C SER C 183 -1.78 36.03 -2.66
N ASN C 184 -2.82 36.62 -3.22
CA ASN C 184 -4.15 35.98 -3.28
C ASN C 184 -4.97 36.10 -1.99
N LEU C 185 -4.31 36.13 -0.84
CA LEU C 185 -5.02 36.22 0.45
C LEU C 185 -4.48 37.30 1.41
N GLY C 186 -3.27 37.79 1.17
CA GLY C 186 -2.71 38.87 1.98
C GLY C 186 -2.37 38.50 3.41
N ILE C 187 -2.14 37.20 3.67
CA ILE C 187 -1.70 36.76 4.99
C ILE C 187 -0.22 37.09 5.16
N ILE C 188 0.25 37.12 6.41
CA ILE C 188 1.64 37.41 6.71
C ILE C 188 2.40 36.08 6.83
N PRO C 189 3.54 35.94 6.11
CA PRO C 189 4.28 34.68 6.19
C PRO C 189 4.95 34.52 7.54
N PHE C 190 4.61 33.46 8.27
CA PHE C 190 5.19 33.20 9.58
C PHE C 190 6.50 32.44 9.45
N ASP C 191 7.53 32.95 10.11
CA ASP C 191 8.85 32.31 10.14
C ASP C 191 8.91 31.37 11.34
N PRO C 192 9.10 30.05 11.10
CA PRO C 192 9.25 29.13 12.23
C PRO C 192 10.42 29.52 13.14
N ALA C 193 11.43 30.15 12.56
CA ALA C 193 12.54 30.72 13.34
C ALA C 193 12.05 31.86 14.23
N ASN C 194 11.70 33.00 13.64
CA ASN C 194 11.25 34.17 14.40
C ASN C 194 9.86 33.99 14.99
N PRO C 195 9.76 33.58 16.26
CA PRO C 195 8.47 33.16 16.79
C PRO C 195 7.72 34.28 17.51
N LYS C 196 6.40 34.18 17.51
CA LYS C 196 5.54 34.99 18.37
C LYS C 196 4.61 34.04 19.10
N LYS C 197 4.26 34.38 20.34
CA LYS C 197 3.31 33.57 21.10
C LYS C 197 1.88 33.86 20.66
N PHE C 198 1.07 32.82 20.56
CA PHE C 198 -0.33 32.95 20.12
C PHE C 198 -1.29 32.36 21.14
N SER C 199 -2.48 32.94 21.19
CA SER C 199 -3.59 32.39 21.96
C SER C 199 -4.58 31.65 21.06
N ILE C 200 -4.51 31.92 19.75
CA ILE C 200 -5.37 31.27 18.75
C ILE C 200 -4.52 30.61 17.67
N ILE C 201 -4.61 29.29 17.58
CA ILE C 201 -3.88 28.53 16.56
C ILE C 201 -4.84 27.59 15.82
N PHE C 202 -4.75 27.61 14.49
CA PHE C 202 -5.50 26.71 13.63
C PHE C 202 -4.50 25.85 12.86
N GLU C 203 -4.59 24.53 13.01
CA GLU C 203 -3.66 23.61 12.37
C GLU C 203 -4.40 22.64 11.47
N ALA C 204 -3.94 22.50 10.23
CA ALA C 204 -4.54 21.58 9.26
C ALA C 204 -3.44 20.85 8.48
N THR C 205 -2.93 19.78 9.08
CA THR C 205 -1.74 19.10 8.57
C THR C 205 -1.88 17.59 8.83
N PRO C 206 -1.29 16.75 7.97
CA PRO C 206 -1.32 15.31 8.25
C PRO C 206 -0.15 14.83 9.12
N CYS C 207 0.48 15.75 9.85
CA CYS C 207 1.77 15.49 10.49
C CYS C 207 1.77 15.84 11.98
N ALA C 208 2.62 15.14 12.73
CA ALA C 208 2.75 15.34 14.16
C ALA C 208 3.74 16.47 14.50
N ASN C 209 3.51 17.11 15.65
CA ASN C 209 4.48 18.06 16.22
C ASN C 209 4.88 19.16 15.24
N THR C 210 3.86 19.83 14.70
CA THR C 210 4.01 20.91 13.74
C THR C 210 3.90 22.29 14.39
N ILE C 211 3.50 22.33 15.66
CA ILE C 211 3.41 23.57 16.42
C ILE C 211 4.60 23.62 17.39
N PRO C 212 5.59 24.50 17.12
CA PRO C 212 6.75 24.57 18.02
C PRO C 212 6.39 25.20 19.36
N GLU C 213 7.09 24.79 20.41
CA GLU C 213 6.79 25.25 21.77
C GLU C 213 6.81 26.77 21.91
N ALA C 214 7.78 27.41 21.27
CA ALA C 214 7.93 28.88 21.30
C ALA C 214 6.65 29.63 20.93
N VAL C 215 5.81 28.99 20.12
CA VAL C 215 4.56 29.58 19.64
C VAL C 215 3.42 29.56 20.67
N LEU C 216 3.46 28.62 21.61
CA LEU C 216 2.37 28.44 22.58
C LEU C 216 2.41 29.48 23.71
N SER C 217 1.23 29.76 24.26
CA SER C 217 1.09 30.56 25.49
C SER C 217 0.01 29.94 26.37
N GLU C 218 0.12 30.14 27.68
CA GLU C 218 -0.75 29.46 28.66
C GLU C 218 -2.24 29.55 28.32
N ASN C 219 -2.91 28.40 28.33
CA ASN C 219 -4.36 28.32 28.10
C ASN C 219 -4.82 28.66 26.68
N CYS C 220 -3.92 28.57 25.69
CA CYS C 220 -4.26 28.92 24.30
C CYS C 220 -5.11 27.85 23.63
N VAL C 221 -5.87 28.26 22.62
CA VAL C 221 -6.77 27.35 21.91
C VAL C 221 -6.05 26.79 20.67
N LEU C 222 -6.11 25.47 20.52
CA LEU C 222 -5.59 24.80 19.33
C LEU C 222 -6.73 24.09 18.62
N SER C 223 -7.12 24.62 17.47
CA SER C 223 -8.21 24.07 16.68
C SER C 223 -7.63 23.30 15.50
N THR C 224 -7.73 21.97 15.54
CA THR C 224 -7.15 21.12 14.49
C THR C 224 -8.01 19.91 14.13
N PRO C 225 -8.33 19.74 12.84
CA PRO C 225 -8.90 18.49 12.35
C PRO C 225 -7.84 17.46 11.92
N GLY C 226 -6.57 17.88 11.94
CA GLY C 226 -5.47 17.04 11.45
C GLY C 226 -5.17 15.82 12.30
N ILE C 227 -4.74 14.75 11.63
CA ILE C 227 -4.39 13.49 12.26
C ILE C 227 -2.96 13.12 11.84
N PRO C 228 -2.09 12.75 12.80
CA PRO C 228 -2.23 12.69 14.26
C PRO C 228 -2.15 14.09 14.88
N CYS C 229 -2.01 14.19 16.21
CA CYS C 229 -2.10 15.49 16.88
C CYS C 229 -0.89 16.40 16.61
N ALA C 230 -1.20 17.68 16.41
CA ALA C 230 -0.22 18.69 16.03
C ALA C 230 0.79 19.00 17.14
N ILE C 231 0.42 18.72 18.39
CA ILE C 231 1.36 18.83 19.52
C ILE C 231 1.37 17.57 20.35
N SER C 232 2.48 17.35 21.04
CA SER C 232 2.63 16.22 21.96
C SER C 232 1.69 16.38 23.15
N GLU C 233 1.34 15.24 23.77
CA GLU C 233 0.57 15.25 25.01
C GLU C 233 1.25 16.17 26.03
N GLU C 234 2.57 16.01 26.16
CA GLU C 234 3.38 16.84 27.06
C GLU C 234 3.19 18.34 26.86
N LEU C 235 3.43 18.81 25.63
CA LEU C 235 3.27 20.25 25.35
C LEU C 235 1.84 20.71 25.55
N ARG C 236 0.87 19.82 25.29
CA ARG C 236 -0.54 20.13 25.51
C ARG C 236 -0.81 20.36 27.00
N ASP C 237 -0.34 19.44 27.83
CA ASP C 237 -0.50 19.56 29.28
C ASP C 237 0.29 20.73 29.84
N LYS C 238 1.59 20.74 29.55
CA LYS C 238 2.48 21.80 30.05
C LYS C 238 1.88 23.20 29.86
N TYR C 239 1.37 23.48 28.66
CA TYR C 239 0.83 24.81 28.35
C TYR C 239 -0.69 24.92 28.53
N GLU C 240 -1.32 23.85 29.02
CA GLU C 240 -2.76 23.82 29.26
C GLU C 240 -3.54 24.24 28.02
N VAL C 241 -3.22 23.64 26.88
CA VAL C 241 -3.85 23.98 25.61
C VAL C 241 -5.33 23.58 25.57
N GLN C 242 -6.15 24.46 25.04
CA GLN C 242 -7.57 24.17 24.83
C GLN C 242 -7.71 23.54 23.45
N LEU C 243 -7.86 22.22 23.44
CA LEU C 243 -7.71 21.42 22.25
C LEU C 243 -9.08 21.14 21.63
N ILE C 244 -9.23 21.51 20.36
CA ILE C 244 -10.43 21.18 19.58
C ILE C 244 -9.97 20.30 18.41
N ALA C 245 -10.14 18.99 18.57
CA ALA C 245 -9.72 18.05 17.55
C ALA C 245 -10.63 16.84 17.56
N GLU C 246 -11.11 16.46 16.39
CA GLU C 246 -12.10 15.41 16.26
C GLU C 246 -12.11 14.97 14.78
N PRO C 247 -12.05 13.66 14.53
CA PRO C 247 -11.70 13.17 13.19
C PRO C 247 -12.79 13.19 12.10
N LEU C 248 -14.03 13.56 12.42
CA LEU C 248 -15.12 13.47 11.43
C LEU C 248 -16.38 14.28 11.75
N GLY C 249 -16.85 14.17 13.00
CA GLY C 249 -18.11 14.78 13.45
C GLY C 249 -18.33 16.26 13.20
N ILE C 250 -17.31 17.08 13.49
CA ILE C 250 -17.44 18.53 13.31
C ILE C 250 -17.49 18.91 11.83
N GLY C 251 -16.62 18.29 11.04
CA GLY C 251 -16.58 18.51 9.60
C GLY C 251 -17.88 18.09 8.93
N THR C 252 -18.40 16.93 9.32
CA THR C 252 -19.70 16.45 8.84
C THR C 252 -20.80 17.45 9.15
N ALA C 253 -20.81 17.93 10.40
CA ALA C 253 -21.79 18.91 10.84
C ALA C 253 -21.69 20.18 10.01
N SER C 254 -20.47 20.63 9.72
CA SER C 254 -20.25 21.80 8.88
C SER C 254 -20.80 21.60 7.47
N MET C 255 -20.68 20.38 6.95
CA MET C 255 -21.19 20.05 5.61
C MET C 255 -22.71 20.10 5.57
N LEU C 256 -23.35 19.38 6.49
CA LEU C 256 -24.81 19.27 6.50
C LEU C 256 -25.50 20.61 6.67
N TYR C 257 -25.04 21.40 7.65
CA TYR C 257 -25.64 22.71 7.91
C TYR C 257 -25.37 23.73 6.80
N SER C 258 -24.31 23.55 6.01
CA SER C 258 -24.00 24.47 4.90
C SER C 258 -24.92 24.28 3.70
N VAL C 259 -25.45 23.08 3.53
CA VAL C 259 -26.36 22.80 2.41
C VAL C 259 -27.85 23.00 2.76
N LEU C 260 -28.16 23.07 4.06
CA LEU C 260 -29.54 23.27 4.52
C LEU C 260 -30.09 24.64 4.12
N LEU D 5 -21.54 -4.42 -21.54
CA LEU D 5 -21.39 -4.00 -22.96
C LEU D 5 -19.92 -3.84 -23.32
N THR D 6 -19.45 -4.60 -24.32
CA THR D 6 -18.07 -4.54 -24.76
C THR D 6 -17.80 -3.20 -25.47
N PRO D 7 -16.54 -2.72 -25.44
CA PRO D 7 -16.18 -1.49 -26.15
C PRO D 7 -16.44 -1.52 -27.66
N ASP D 8 -16.43 -2.73 -28.25
CA ASP D 8 -16.63 -2.90 -29.69
C ASP D 8 -18.08 -2.69 -30.16
N ASP D 9 -19.05 -2.85 -29.28
CA ASP D 9 -20.46 -2.62 -29.63
C ASP D 9 -20.75 -1.13 -29.87
N LEU D 10 -19.86 -0.26 -29.39
CA LEU D 10 -19.93 1.18 -29.69
C LEU D 10 -18.96 1.54 -30.82
N ILE D 11 -19.43 1.36 -32.05
CA ILE D 11 -18.70 1.78 -33.25
C ILE D 11 -19.67 2.54 -34.16
N ASN D 12 -19.15 3.55 -34.87
CA ASN D 12 -19.98 4.42 -35.73
C ASN D 12 -21.38 4.66 -35.14
N ILE D 13 -21.41 5.03 -33.86
CA ILE D 13 -22.63 5.10 -33.07
C ILE D 13 -23.67 6.08 -33.60
N ASN D 14 -23.22 7.19 -34.18
CA ASN D 14 -24.13 8.18 -34.76
C ASN D 14 -24.94 7.62 -35.93
N MET D 15 -24.28 6.84 -36.79
CA MET D 15 -24.94 6.15 -37.89
C MET D 15 -25.74 4.94 -37.40
N GLN D 16 -25.21 4.28 -36.37
CA GLN D 16 -25.80 3.06 -35.82
C GLN D 16 -27.24 3.26 -35.31
N LEU D 17 -27.49 4.40 -34.66
CA LEU D 17 -28.85 4.70 -34.17
C LEU D 17 -29.63 5.65 -35.09
N GLN D 18 -28.97 6.16 -36.13
CA GLN D 18 -29.66 6.89 -37.19
C GLN D 18 -30.42 5.95 -38.13
N LYS D 19 -29.99 4.69 -38.19
CA LYS D 19 -30.66 3.65 -38.96
C LYS D 19 -31.77 2.98 -38.14
N ALA D 20 -31.56 2.91 -36.82
CA ALA D 20 -32.56 2.38 -35.89
C ALA D 20 -33.77 3.32 -35.79
N ASP D 21 -33.53 4.61 -36.02
CA ASP D 21 -34.59 5.62 -35.98
C ASP D 21 -35.56 5.43 -37.16
N SER D 22 -34.99 5.15 -38.33
CA SER D 22 -35.78 4.83 -39.53
C SER D 22 -36.53 3.51 -39.38
N ALA D 23 -35.86 2.51 -38.81
CA ALA D 23 -36.46 1.20 -38.56
C ALA D 23 -37.69 1.30 -37.67
N VAL D 24 -37.56 2.03 -36.56
CA VAL D 24 -38.67 2.23 -35.62
C VAL D 24 -39.82 2.98 -36.31
N GLN D 25 -39.48 3.91 -37.19
CA GLN D 25 -40.46 4.71 -37.93
C GLN D 25 -41.23 3.88 -38.95
N GLU D 26 -40.53 3.03 -39.68
CA GLU D 26 -41.17 2.15 -40.67
C GLU D 26 -42.14 1.18 -39.98
N VAL D 27 -41.75 0.70 -38.80
CA VAL D 27 -42.53 -0.29 -38.06
C VAL D 27 -43.76 0.32 -37.39
N THR D 28 -43.59 1.47 -36.75
CA THR D 28 -44.63 2.07 -35.91
C THR D 28 -45.27 3.35 -36.47
N GLY D 29 -44.60 4.00 -37.42
CA GLY D 29 -45.04 5.30 -37.93
C GLY D 29 -44.48 6.47 -37.14
N LEU D 30 -43.98 6.19 -35.93
CA LEU D 30 -43.32 7.17 -35.09
C LEU D 30 -41.83 6.87 -35.03
N ASP D 31 -41.01 7.93 -35.00
CA ASP D 31 -39.57 7.77 -34.78
C ASP D 31 -39.32 7.59 -33.27
N ILE D 32 -38.05 7.54 -32.88
CA ILE D 32 -37.71 7.25 -31.48
C ILE D 32 -38.17 8.36 -30.54
N LYS D 33 -37.96 9.61 -30.94
CA LYS D 33 -38.48 10.76 -30.19
C LYS D 33 -39.98 10.60 -29.97
N GLY D 34 -40.71 10.40 -31.06
CA GLY D 34 -42.15 10.21 -31.04
C GLY D 34 -42.62 9.07 -30.15
N ILE D 35 -41.88 7.95 -30.13
CA ILE D 35 -42.24 6.82 -29.29
C ILE D 35 -42.17 7.20 -27.81
N CYS D 36 -41.09 7.88 -27.43
CA CYS D 36 -40.91 8.34 -26.05
C CYS D 36 -42.01 9.33 -25.64
N LYS D 37 -42.42 10.18 -26.59
CA LYS D 37 -43.50 11.14 -26.34
C LYS D 37 -44.80 10.41 -26.03
N ALA D 38 -45.10 9.37 -26.79
CA ALA D 38 -46.32 8.58 -26.60
C ALA D 38 -46.30 7.85 -25.26
N LEU D 39 -45.13 7.35 -24.88
CA LEU D 39 -44.98 6.60 -23.63
C LEU D 39 -45.14 7.48 -22.40
N TYR D 40 -44.46 8.62 -22.41
CA TYR D 40 -44.32 9.45 -21.21
C TYR D 40 -45.02 10.81 -21.28
N GLY D 41 -45.45 11.21 -22.48
CA GLY D 41 -46.12 12.50 -22.66
C GLY D 41 -45.23 13.69 -22.46
N THR D 42 -43.92 13.50 -22.63
CA THR D 42 -42.96 14.57 -22.36
C THR D 42 -42.13 14.91 -23.60
N PHE D 43 -41.35 15.99 -23.49
CA PHE D 43 -40.57 16.49 -24.63
C PHE D 43 -39.30 17.19 -24.16
N SER D 44 -38.25 17.10 -24.98
CA SER D 44 -36.95 17.67 -24.65
C SER D 44 -36.96 19.19 -24.70
N SER D 45 -36.45 19.82 -23.63
CA SER D 45 -36.25 21.26 -23.59
C SER D 45 -34.76 21.57 -23.64
N SER D 46 -34.01 20.72 -24.34
CA SER D 46 -32.54 20.82 -24.43
C SER D 46 -31.87 20.85 -23.05
N GLU D 47 -32.36 20.00 -22.14
CA GLU D 47 -31.83 19.91 -20.78
C GLU D 47 -30.32 19.66 -20.77
N LYS D 48 -29.63 20.26 -19.80
CA LYS D 48 -28.21 20.01 -19.60
C LYS D 48 -28.04 18.72 -18.81
N VAL D 49 -27.45 17.70 -19.43
CA VAL D 49 -27.35 16.38 -18.82
C VAL D 49 -25.89 15.97 -18.69
N GLY D 50 -25.48 15.68 -17.45
CA GLY D 50 -24.08 15.41 -17.14
C GLY D 50 -23.78 13.93 -17.02
N ILE D 51 -22.81 13.46 -17.81
CA ILE D 51 -22.41 12.07 -17.81
C ILE D 51 -21.19 11.87 -16.92
N VAL D 52 -21.28 10.92 -16.00
CA VAL D 52 -20.24 10.70 -14.99
C VAL D 52 -19.64 9.30 -15.16
N PRO D 53 -18.35 9.22 -15.54
CA PRO D 53 -17.71 7.90 -15.63
C PRO D 53 -17.56 7.28 -14.24
N VAL D 54 -17.80 5.97 -14.15
CA VAL D 54 -17.75 5.26 -12.87
C VAL D 54 -16.77 4.10 -12.95
N THR D 55 -15.73 4.14 -12.11
CA THR D 55 -14.64 3.16 -12.18
C THR D 55 -14.84 1.97 -11.23
N SER D 56 -16.00 1.88 -10.58
CA SER D 56 -16.30 0.78 -9.67
C SER D 56 -16.62 -0.48 -10.46
N GLY D 57 -16.15 -1.63 -9.97
CA GLY D 57 -16.33 -2.89 -10.68
C GLY D 57 -15.34 -3.00 -11.83
N ASN D 58 -15.77 -3.59 -12.95
CA ASN D 58 -14.88 -3.76 -14.09
C ASN D 58 -14.40 -2.41 -14.65
N GLY D 59 -15.05 -1.33 -14.21
CA GLY D 59 -14.52 0.02 -14.38
C GLY D 59 -15.08 0.75 -15.59
N ILE D 60 -14.37 1.80 -16.02
CA ILE D 60 -14.77 2.59 -17.17
C ILE D 60 -14.74 1.73 -18.42
N ILE D 61 -15.87 1.66 -19.11
CA ILE D 61 -15.96 0.96 -20.39
C ILE D 61 -15.59 1.94 -21.50
N GLY D 62 -14.79 1.46 -22.44
CA GLY D 62 -14.34 2.29 -23.57
C GLY D 62 -15.49 2.68 -24.47
N ASN D 63 -15.48 3.92 -24.92
CA ASN D 63 -16.53 4.51 -25.77
C ASN D 63 -17.91 4.64 -25.11
N PHE D 64 -18.04 4.26 -23.84
CA PHE D 64 -19.34 4.24 -23.18
C PHE D 64 -19.88 5.65 -22.93
N SER D 65 -19.12 6.46 -22.20
CA SER D 65 -19.53 7.83 -21.89
C SER D 65 -19.55 8.70 -23.15
N ALA D 66 -18.58 8.50 -24.05
CA ALA D 66 -18.55 9.18 -25.34
C ALA D 66 -19.76 8.82 -26.20
N SER D 67 -20.26 7.59 -26.05
CA SER D 67 -21.48 7.14 -26.74
C SER D 67 -22.71 7.83 -26.18
N LEU D 68 -22.83 7.86 -24.85
CA LEU D 68 -23.93 8.55 -24.20
C LEU D 68 -23.90 10.03 -24.57
N HIS D 69 -22.70 10.59 -24.70
CA HIS D 69 -22.53 11.96 -25.15
C HIS D 69 -23.06 12.15 -26.57
N ALA D 70 -22.71 11.22 -27.47
CA ALA D 70 -23.20 11.27 -28.85
C ALA D 70 -24.71 11.01 -28.93
N ILE D 71 -25.19 10.03 -28.17
CA ILE D 71 -26.62 9.72 -28.07
C ILE D 71 -27.40 10.94 -27.60
N THR D 72 -27.02 11.47 -26.44
CA THR D 72 -27.68 12.65 -25.88
C THR D 72 -27.59 13.86 -26.80
N GLN D 73 -26.46 14.01 -27.50
CA GLN D 73 -26.32 15.07 -28.51
C GLN D 73 -27.24 14.81 -29.69
N TYR D 74 -27.41 13.53 -30.05
CA TYR D 74 -28.34 13.13 -31.11
C TYR D 74 -29.78 13.51 -30.79
N PHE D 75 -30.18 13.37 -29.52
CA PHE D 75 -31.57 13.66 -29.11
C PHE D 75 -31.78 15.10 -28.63
N GLY D 76 -30.81 15.98 -28.88
CA GLY D 76 -30.97 17.42 -28.66
C GLY D 76 -30.76 17.93 -27.24
N PHE D 77 -30.08 17.13 -26.41
CA PHE D 77 -29.74 17.55 -25.05
C PHE D 77 -28.38 18.26 -25.02
N ASP D 78 -28.20 19.15 -24.05
CA ASP D 78 -26.94 19.86 -23.85
C ASP D 78 -26.04 19.04 -22.91
N SER D 79 -25.42 18.01 -23.46
CA SER D 79 -24.68 17.03 -22.65
C SER D 79 -23.17 17.24 -22.62
N PHE D 80 -22.55 16.83 -21.51
CA PHE D 80 -21.09 16.84 -21.36
C PHE D 80 -20.63 15.66 -20.50
N VAL D 81 -19.37 15.29 -20.65
CA VAL D 81 -18.77 14.20 -19.88
C VAL D 81 -17.75 14.78 -18.92
N THR D 82 -17.80 14.36 -17.65
CA THR D 82 -16.95 14.93 -16.60
C THR D 82 -15.52 14.39 -16.64
N ASP D 83 -14.56 15.29 -16.40
CA ASP D 83 -13.14 14.95 -16.34
C ASP D 83 -12.88 13.92 -15.24
N MET D 84 -13.33 14.22 -14.03
CA MET D 84 -13.19 13.31 -12.89
C MET D 84 -14.30 12.27 -12.90
N PRO D 85 -14.01 11.03 -12.43
CA PRO D 85 -15.02 9.99 -12.32
C PRO D 85 -15.61 9.90 -10.91
N ASP D 86 -16.60 9.02 -10.75
CA ASP D 86 -17.12 8.62 -9.43
C ASP D 86 -17.74 9.78 -8.62
N VAL D 87 -17.52 9.81 -7.30
CA VAL D 87 -18.10 10.83 -6.42
C VAL D 87 -17.53 12.21 -6.75
N SER D 88 -16.24 12.27 -7.04
CA SER D 88 -15.60 13.50 -7.48
C SER D 88 -16.19 13.98 -8.80
N GLY D 89 -16.56 13.03 -9.67
CA GLY D 89 -17.21 13.31 -10.93
C GLY D 89 -18.63 13.80 -10.76
N TYR D 90 -19.33 13.23 -9.79
CA TYR D 90 -20.68 13.66 -9.44
C TYR D 90 -20.68 15.12 -8.97
N TYR D 91 -19.61 15.51 -8.29
CA TYR D 91 -19.43 16.89 -7.82
C TYR D 91 -19.16 17.84 -9.00
N GLU D 92 -18.31 17.41 -9.92
CA GLU D 92 -18.00 18.16 -11.14
C GLU D 92 -19.26 18.39 -11.97
N ALA D 93 -20.11 17.36 -12.05
CA ALA D 93 -21.37 17.42 -12.78
C ALA D 93 -22.29 18.52 -12.23
N VAL D 94 -22.58 18.45 -10.93
CA VAL D 94 -23.49 19.40 -10.29
C VAL D 94 -22.90 20.80 -10.26
N GLN D 95 -21.61 20.90 -9.96
CA GLN D 95 -20.92 22.19 -9.92
C GLN D 95 -20.97 22.93 -11.26
N ASN D 96 -21.01 22.19 -12.36
CA ASN D 96 -21.10 22.79 -13.70
C ASN D 96 -22.51 22.84 -14.27
N GLY D 97 -23.52 22.70 -13.40
CA GLY D 97 -24.91 22.92 -13.78
C GLY D 97 -25.57 21.79 -14.53
N ALA D 98 -25.33 20.56 -14.09
CA ALA D 98 -26.05 19.41 -14.65
C ALA D 98 -27.47 19.37 -14.10
N GLU D 99 -28.45 19.26 -14.98
CA GLU D 99 -29.85 19.16 -14.60
C GLU D 99 -30.27 17.70 -14.46
N ILE D 100 -29.69 16.84 -15.30
CA ILE D 100 -29.86 15.39 -15.21
C ILE D 100 -28.47 14.76 -15.07
N ILE D 101 -28.35 13.79 -14.17
CA ILE D 101 -27.11 13.03 -14.02
C ILE D 101 -27.31 11.65 -14.66
N LEU D 102 -26.33 11.26 -15.48
CA LEU D 102 -26.37 9.96 -16.16
C LEU D 102 -25.11 9.21 -15.79
N MET D 103 -25.27 8.14 -15.00
CA MET D 103 -24.13 7.36 -14.50
C MET D 103 -24.52 5.91 -14.24
N ALA D 104 -23.52 5.02 -14.31
CA ALA D 104 -23.76 3.58 -14.18
C ALA D 104 -22.58 2.85 -13.54
N ASP D 105 -22.86 2.01 -12.56
CA ASP D 105 -21.92 0.97 -12.13
C ASP D 105 -22.26 -0.31 -12.90
N ASP D 106 -21.73 -1.45 -12.47
CA ASP D 106 -21.94 -2.72 -13.19
C ASP D 106 -23.34 -3.33 -13.00
N ARG D 107 -24.12 -2.82 -12.04
CA ARG D 107 -25.43 -3.39 -11.72
C ARG D 107 -26.61 -2.46 -12.03
N THR D 108 -26.41 -1.15 -11.87
CA THR D 108 -27.45 -0.16 -12.11
C THR D 108 -26.96 0.94 -13.03
N PHE D 109 -27.77 1.25 -14.05
CA PHE D 109 -27.55 2.40 -14.92
C PHE D 109 -28.76 3.32 -14.75
N LEU D 110 -28.53 4.54 -14.29
CA LEU D 110 -29.63 5.46 -13.98
C LEU D 110 -29.52 6.83 -14.63
N ALA D 111 -30.68 7.47 -14.73
CA ALA D 111 -30.80 8.90 -15.00
C ALA D 111 -31.52 9.50 -13.81
N HIS D 112 -30.97 10.58 -13.24
CA HIS D 112 -31.62 11.29 -12.14
C HIS D 112 -31.79 12.75 -12.52
N ASN D 113 -33.04 13.17 -12.74
CA ASN D 113 -33.36 14.55 -13.08
C ASN D 113 -33.50 15.38 -11.80
N LEU D 114 -32.56 16.30 -11.59
CA LEU D 114 -32.51 17.13 -10.37
C LEU D 114 -33.48 18.32 -10.42
N LYS D 115 -34.13 18.52 -11.55
CA LYS D 115 -35.15 19.57 -11.67
C LYS D 115 -36.45 19.14 -10.99
N ASN D 116 -36.90 17.92 -11.27
CA ASN D 116 -38.18 17.42 -10.75
C ASN D 116 -38.06 16.21 -9.80
N GLY D 117 -36.83 15.78 -9.52
CA GLY D 117 -36.60 14.67 -8.60
C GLY D 117 -36.96 13.28 -9.12
N LYS D 118 -37.18 13.16 -10.43
CA LYS D 118 -37.50 11.87 -11.03
C LYS D 118 -36.23 11.10 -11.39
N MET D 119 -36.30 9.77 -11.24
CA MET D 119 -35.14 8.91 -11.45
C MET D 119 -35.56 7.62 -12.15
N ALA D 120 -34.75 7.22 -13.14
CA ALA D 120 -35.06 6.06 -13.98
C ALA D 120 -33.97 4.98 -13.92
N ASN D 121 -34.40 3.72 -14.03
CA ASN D 121 -33.51 2.58 -14.14
C ASN D 121 -33.52 2.06 -15.57
N ASN D 122 -32.32 1.88 -16.15
CA ASN D 122 -32.15 1.44 -17.53
C ASN D 122 -32.98 0.21 -17.93
N GLN D 123 -33.04 -0.77 -17.03
CA GLN D 123 -33.64 -2.07 -17.35
C GLN D 123 -35.12 -1.99 -17.73
N PRO D 124 -36.00 -1.57 -16.78
CA PRO D 124 -37.41 -1.41 -17.15
C PRO D 124 -37.67 -0.36 -18.23
N CYS D 125 -36.88 0.71 -18.27
CA CYS D 125 -37.01 1.74 -19.29
C CYS D 125 -36.69 1.18 -20.68
N THR D 126 -35.73 0.25 -20.73
CA THR D 126 -35.39 -0.45 -21.97
C THR D 126 -36.46 -1.49 -22.30
N GLY D 127 -36.88 -2.28 -21.31
CA GLY D 127 -37.90 -3.31 -21.52
C GLY D 127 -39.22 -2.72 -21.97
N ILE D 128 -39.57 -1.57 -21.41
CA ILE D 128 -40.82 -0.89 -21.71
C ILE D 128 -40.85 -0.35 -23.14
N ILE D 129 -39.82 0.39 -23.55
CA ILE D 129 -39.81 1.01 -24.89
C ILE D 129 -39.72 0.01 -26.02
N TYR D 130 -38.92 -1.05 -25.84
CA TYR D 130 -38.83 -2.11 -26.84
C TYR D 130 -40.15 -2.86 -26.99
N ALA D 131 -40.85 -3.08 -25.88
CA ALA D 131 -42.17 -3.72 -25.91
C ALA D 131 -43.20 -2.80 -26.58
N GLU D 132 -43.12 -1.50 -26.29
CA GLU D 132 -44.02 -0.52 -26.92
C GLU D 132 -43.89 -0.54 -28.44
N ILE D 133 -42.65 -0.47 -28.91
CA ILE D 133 -42.37 -0.44 -30.35
C ILE D 133 -42.96 -1.67 -31.04
N ALA D 134 -42.73 -2.84 -30.44
CA ALA D 134 -43.31 -4.09 -30.93
C ALA D 134 -44.85 -4.04 -30.95
N SER D 135 -45.43 -3.46 -29.89
CA SER D 135 -46.89 -3.36 -29.78
C SER D 135 -47.49 -2.46 -30.87
N ARG D 136 -46.73 -1.45 -31.30
CA ARG D 136 -47.19 -0.48 -32.29
C ARG D 136 -46.86 -0.88 -33.73
N TYR D 137 -46.57 -2.16 -33.96
CA TYR D 137 -46.33 -2.64 -35.32
C TYR D 137 -47.59 -2.43 -36.15
N LEU D 138 -47.48 -1.58 -37.17
CA LEU D 138 -48.62 -1.16 -38.00
C LEU D 138 -49.16 -2.29 -38.88
N LYS D 139 -48.26 -3.09 -39.44
CA LYS D 139 -48.65 -4.22 -40.30
C LYS D 139 -48.79 -5.53 -39.50
N ALA D 140 -49.02 -5.41 -38.19
CA ALA D 140 -49.39 -6.55 -37.36
C ALA D 140 -50.78 -7.01 -37.78
N ASP D 141 -51.28 -8.07 -37.15
CA ASP D 141 -52.56 -8.66 -37.55
C ASP D 141 -53.39 -9.13 -36.36
N SER D 142 -52.72 -9.71 -35.36
CA SER D 142 -53.36 -10.16 -34.14
C SER D 142 -52.87 -9.32 -32.97
N LYS D 143 -53.49 -9.50 -31.82
CA LYS D 143 -53.03 -8.92 -30.56
C LYS D 143 -52.14 -9.90 -29.77
N ASP D 144 -51.56 -10.88 -30.48
CA ASP D 144 -50.71 -11.88 -29.86
C ASP D 144 -49.25 -11.47 -29.96
N VAL D 145 -48.52 -11.63 -28.86
CA VAL D 145 -47.12 -11.24 -28.80
C VAL D 145 -46.33 -12.28 -28.01
N LEU D 146 -45.15 -12.63 -28.52
CA LEU D 146 -44.28 -13.61 -27.88
C LEU D 146 -43.15 -12.87 -27.17
N VAL D 147 -42.95 -13.17 -25.90
CA VAL D 147 -41.87 -12.58 -25.12
C VAL D 147 -40.88 -13.68 -24.71
N VAL D 148 -39.66 -13.60 -25.23
CA VAL D 148 -38.62 -14.57 -24.91
C VAL D 148 -37.57 -13.90 -24.03
N GLY D 149 -37.47 -14.34 -22.79
CA GLY D 149 -36.61 -13.69 -21.80
C GLY D 149 -37.48 -12.88 -20.86
N LEU D 150 -37.51 -13.29 -19.60
CA LEU D 150 -38.38 -12.68 -18.60
C LEU D 150 -37.58 -12.27 -17.35
N GLY D 151 -36.44 -11.62 -17.58
CA GLY D 151 -35.57 -11.13 -16.50
C GLY D 151 -35.81 -9.65 -16.23
N LYS D 152 -34.74 -8.94 -15.87
CA LYS D 152 -34.86 -7.53 -15.45
C LYS D 152 -35.38 -6.61 -16.54
N VAL D 153 -35.02 -6.89 -17.79
CA VAL D 153 -35.52 -6.12 -18.93
C VAL D 153 -36.86 -6.69 -19.42
N GLY D 154 -36.90 -8.00 -19.61
CA GLY D 154 -38.06 -8.66 -20.21
C GLY D 154 -39.34 -8.57 -19.40
N PHE D 155 -39.22 -8.72 -18.08
CA PHE D 155 -40.40 -8.76 -17.21
C PHE D 155 -41.22 -7.47 -17.30
N PRO D 156 -40.58 -6.28 -17.07
CA PRO D 156 -41.32 -5.03 -17.28
C PRO D 156 -41.89 -4.87 -18.69
N GLY D 157 -41.19 -5.41 -19.69
CA GLY D 157 -41.68 -5.40 -21.07
C GLY D 157 -42.94 -6.24 -21.23
N ALA D 158 -42.93 -7.43 -20.66
CA ALA D 158 -44.10 -8.33 -20.71
C ALA D 158 -45.27 -7.73 -19.93
N GLU D 159 -44.98 -7.14 -18.78
CA GLU D 159 -45.97 -6.47 -17.93
C GLU D 159 -46.63 -5.32 -18.68
N HIS D 160 -45.80 -4.52 -19.35
CA HIS D 160 -46.26 -3.36 -20.12
C HIS D 160 -47.19 -3.76 -21.27
N LEU D 161 -46.97 -4.94 -21.84
CA LEU D 161 -47.84 -5.46 -22.91
C LEU D 161 -49.16 -6.00 -22.38
N VAL D 162 -49.16 -6.54 -21.16
CA VAL D 162 -50.40 -6.97 -20.51
C VAL D 162 -51.27 -5.77 -20.12
N GLN D 163 -50.63 -4.72 -19.61
CA GLN D 163 -51.33 -3.46 -19.30
C GLN D 163 -51.97 -2.84 -20.55
N LYS D 164 -51.32 -2.98 -21.71
CA LYS D 164 -51.90 -2.53 -22.99
C LYS D 164 -52.83 -3.58 -23.61
N ASP D 165 -52.96 -4.72 -22.93
CA ASP D 165 -54.02 -5.71 -23.20
C ASP D 165 -53.79 -6.55 -24.45
N PHE D 166 -52.55 -6.95 -24.69
CA PHE D 166 -52.23 -7.95 -25.70
C PHE D 166 -52.27 -9.31 -25.03
N ARG D 167 -52.54 -10.35 -25.81
CA ARG D 167 -52.48 -11.72 -25.29
C ARG D 167 -51.02 -12.19 -25.33
N VAL D 168 -50.33 -12.05 -24.19
CA VAL D 168 -48.88 -12.22 -24.12
C VAL D 168 -48.48 -13.68 -23.88
N TYR D 169 -47.60 -14.19 -24.73
CA TYR D 169 -46.99 -15.50 -24.55
C TYR D 169 -45.54 -15.32 -24.09
N GLY D 170 -45.18 -16.00 -23.00
CA GLY D 170 -43.85 -15.86 -22.41
C GLY D 170 -43.06 -17.16 -22.36
N TYR D 171 -41.75 -17.07 -22.63
CA TYR D 171 -40.83 -18.18 -22.41
C TYR D 171 -39.50 -17.69 -21.83
N ASP D 172 -38.95 -18.51 -20.94
CA ASP D 172 -37.62 -18.29 -20.37
C ASP D 172 -37.07 -19.65 -19.96
N ALA D 173 -35.79 -19.90 -20.25
CA ALA D 173 -35.18 -21.20 -19.97
C ALA D 173 -35.07 -21.52 -18.47
N ASP D 174 -35.16 -20.49 -17.62
CA ASP D 174 -35.27 -20.70 -16.18
C ASP D 174 -36.72 -21.03 -15.86
N GLU D 175 -36.97 -22.26 -15.42
CA GLU D 175 -38.32 -22.73 -15.10
C GLU D 175 -38.98 -21.89 -14.02
N THR D 176 -38.22 -21.58 -12.97
CA THR D 176 -38.70 -20.74 -11.87
C THR D 176 -39.09 -19.35 -12.34
N LEU D 177 -38.21 -18.73 -13.13
CA LEU D 177 -38.43 -17.36 -13.64
C LEU D 177 -39.61 -17.31 -14.60
N LEU D 178 -39.87 -18.42 -15.29
CA LEU D 178 -41.07 -18.55 -16.13
C LEU D 178 -42.31 -18.80 -15.27
N GLU D 179 -42.13 -19.58 -14.19
CA GLU D 179 -43.22 -19.89 -13.26
C GLU D 179 -43.74 -18.64 -12.57
N ARG D 180 -42.83 -17.86 -12.00
CA ARG D 180 -43.19 -16.61 -11.32
C ARG D 180 -43.85 -15.59 -12.27
N ALA D 181 -43.44 -15.60 -13.53
CA ALA D 181 -43.99 -14.68 -14.54
C ALA D 181 -45.42 -15.04 -14.95
N THR D 182 -45.75 -16.34 -14.92
CA THR D 182 -47.11 -16.78 -15.26
C THR D 182 -48.12 -16.42 -14.16
N SER D 183 -47.76 -16.68 -12.91
CA SER D 183 -48.66 -16.42 -11.78
C SER D 183 -48.83 -14.92 -11.51
N ASN D 184 -47.72 -14.18 -11.48
CA ASN D 184 -47.76 -12.75 -11.11
C ASN D 184 -48.28 -11.82 -12.20
N LEU D 185 -48.16 -12.23 -13.46
CA LEU D 185 -48.63 -11.41 -14.60
C LEU D 185 -49.81 -12.03 -15.36
N GLY D 186 -50.00 -13.33 -15.26
CA GLY D 186 -51.08 -14.01 -15.97
C GLY D 186 -50.86 -14.10 -17.46
N ILE D 187 -49.62 -14.43 -17.86
CA ILE D 187 -49.28 -14.63 -19.27
C ILE D 187 -49.54 -16.08 -19.68
N ILE D 188 -49.62 -16.32 -20.99
CA ILE D 188 -49.75 -17.67 -21.52
C ILE D 188 -48.36 -18.29 -21.67
N PRO D 189 -47.99 -19.26 -20.81
CA PRO D 189 -46.65 -19.82 -20.93
C PRO D 189 -46.42 -20.52 -22.27
N PHE D 190 -45.41 -20.06 -23.01
CA PHE D 190 -45.09 -20.61 -24.32
C PHE D 190 -44.40 -21.97 -24.19
N ASP D 191 -44.93 -22.97 -24.87
CA ASP D 191 -44.33 -24.30 -24.95
C ASP D 191 -43.51 -24.38 -26.24
N PRO D 192 -42.20 -24.66 -26.14
CA PRO D 192 -41.39 -24.83 -27.36
C PRO D 192 -41.84 -25.99 -28.24
N ALA D 193 -42.34 -27.06 -27.62
CA ALA D 193 -42.79 -28.24 -28.35
C ALA D 193 -44.08 -28.01 -29.16
N ASN D 194 -44.86 -27.00 -28.78
CA ASN D 194 -46.07 -26.61 -29.51
C ASN D 194 -46.02 -25.15 -29.94
N PRO D 195 -45.31 -24.87 -31.05
CA PRO D 195 -45.13 -23.49 -31.50
C PRO D 195 -46.34 -22.94 -32.27
N LYS D 196 -46.62 -21.67 -32.03
CA LYS D 196 -47.54 -20.90 -32.87
C LYS D 196 -46.73 -19.81 -33.55
N LYS D 197 -47.13 -19.44 -34.76
CA LYS D 197 -46.44 -18.38 -35.49
C LYS D 197 -46.86 -17.02 -34.93
N PHE D 198 -45.95 -16.05 -34.96
CA PHE D 198 -46.20 -14.71 -34.42
C PHE D 198 -45.81 -13.61 -35.40
N SER D 199 -46.56 -12.51 -35.37
CA SER D 199 -46.23 -11.30 -36.11
C SER D 199 -45.41 -10.36 -35.23
N ILE D 200 -45.50 -10.56 -33.91
CA ILE D 200 -44.87 -9.67 -32.93
C ILE D 200 -44.08 -10.52 -31.92
N ILE D 201 -42.77 -10.29 -31.88
CA ILE D 201 -41.89 -10.99 -30.95
C ILE D 201 -40.99 -10.00 -30.22
N PHE D 202 -40.94 -10.13 -28.90
CA PHE D 202 -40.07 -9.33 -28.04
C PHE D 202 -39.11 -10.28 -27.33
N GLU D 203 -37.81 -10.15 -27.61
CA GLU D 203 -36.80 -11.02 -27.00
C GLU D 203 -35.83 -10.20 -26.14
N ALA D 204 -35.61 -10.65 -24.91
CA ALA D 204 -34.72 -9.95 -23.98
C ALA D 204 -33.79 -10.92 -23.28
N THR D 205 -32.77 -11.38 -24.01
CA THR D 205 -31.90 -12.48 -23.57
C THR D 205 -30.47 -12.21 -24.06
N PRO D 206 -29.43 -12.63 -23.31
CA PRO D 206 -28.04 -12.42 -23.73
C PRO D 206 -27.45 -13.49 -24.67
N CYS D 207 -28.31 -14.24 -25.35
CA CYS D 207 -27.90 -15.45 -26.06
C CYS D 207 -28.35 -15.42 -27.53
N ALA D 208 -27.57 -16.09 -28.39
CA ALA D 208 -27.89 -16.19 -29.80
C ALA D 208 -28.96 -17.25 -30.06
N ASN D 209 -29.65 -17.13 -31.19
CA ASN D 209 -30.56 -18.19 -31.68
C ASN D 209 -31.60 -18.66 -30.66
N THR D 210 -32.26 -17.70 -30.00
CA THR D 210 -33.30 -18.03 -29.03
C THR D 210 -34.71 -18.01 -29.65
N ILE D 211 -34.82 -17.47 -30.88
CA ILE D 211 -36.09 -17.48 -31.60
C ILE D 211 -36.11 -18.64 -32.59
N PRO D 212 -36.91 -19.69 -32.32
CA PRO D 212 -36.96 -20.84 -33.23
C PRO D 212 -37.72 -20.53 -34.53
N GLU D 213 -37.40 -21.28 -35.58
CA GLU D 213 -37.98 -21.03 -36.91
C GLU D 213 -39.51 -21.18 -36.97
N ALA D 214 -40.04 -22.16 -36.21
CA ALA D 214 -41.49 -22.42 -36.18
C ALA D 214 -42.31 -21.22 -35.69
N VAL D 215 -41.72 -20.44 -34.79
CA VAL D 215 -42.39 -19.29 -34.19
C VAL D 215 -42.55 -18.10 -35.14
N LEU D 216 -41.69 -18.02 -36.15
CA LEU D 216 -41.68 -16.86 -37.05
C LEU D 216 -42.81 -16.91 -38.08
N SER D 217 -43.11 -15.75 -38.65
CA SER D 217 -44.04 -15.64 -39.77
C SER D 217 -43.53 -14.59 -40.76
N GLU D 218 -44.23 -14.45 -41.88
CA GLU D 218 -43.81 -13.53 -42.94
C GLU D 218 -43.77 -12.08 -42.45
N ASN D 219 -42.59 -11.47 -42.54
CA ASN D 219 -42.39 -10.05 -42.18
C ASN D 219 -42.78 -9.69 -40.75
N CYS D 220 -42.59 -10.64 -39.82
CA CYS D 220 -42.87 -10.38 -38.41
C CYS D 220 -41.89 -9.37 -37.86
N VAL D 221 -42.27 -8.73 -36.77
CA VAL D 221 -41.41 -7.78 -36.08
C VAL D 221 -40.68 -8.48 -34.94
N LEU D 222 -39.36 -8.31 -34.89
CA LEU D 222 -38.55 -8.76 -33.76
C LEU D 222 -37.92 -7.55 -33.07
N SER D 223 -38.48 -7.20 -31.90
CA SER D 223 -37.97 -6.09 -31.11
C SER D 223 -37.13 -6.67 -29.97
N THR D 224 -35.82 -6.40 -30.00
CA THR D 224 -34.91 -7.02 -29.05
C THR D 224 -33.71 -6.13 -28.69
N PRO D 225 -33.57 -5.77 -27.40
CA PRO D 225 -32.36 -5.12 -26.93
C PRO D 225 -31.23 -6.10 -26.64
N GLY D 226 -31.55 -7.39 -26.59
CA GLY D 226 -30.57 -8.42 -26.23
C GLY D 226 -29.37 -8.50 -27.16
N ILE D 227 -28.21 -8.79 -26.59
CA ILE D 227 -26.95 -8.90 -27.32
C ILE D 227 -26.29 -10.24 -26.98
N PRO D 228 -25.88 -11.04 -27.98
CA PRO D 228 -25.95 -10.82 -29.43
C PRO D 228 -27.36 -11.04 -29.99
N CYS D 229 -27.50 -11.01 -31.31
CA CYS D 229 -28.82 -11.09 -31.94
C CYS D 229 -29.48 -12.45 -31.72
N ALA D 230 -30.78 -12.42 -31.42
CA ALA D 230 -31.55 -13.62 -31.07
C ALA D 230 -31.86 -14.51 -32.28
N ILE D 231 -31.64 -13.99 -33.47
CA ILE D 231 -32.04 -14.66 -34.71
C ILE D 231 -30.84 -14.69 -35.65
N SER D 232 -30.62 -15.81 -36.34
CA SER D 232 -29.50 -15.93 -37.27
C SER D 232 -29.72 -15.03 -38.49
N GLU D 233 -28.63 -14.69 -39.18
CA GLU D 233 -28.69 -13.88 -40.39
C GLU D 233 -29.45 -14.60 -41.51
N GLU D 234 -29.42 -15.93 -41.50
CA GLU D 234 -30.17 -16.73 -42.47
C GLU D 234 -31.67 -16.64 -42.20
N LEU D 235 -32.07 -16.83 -40.95
CA LEU D 235 -33.50 -16.76 -40.57
C LEU D 235 -34.12 -15.37 -40.75
N ARG D 236 -33.33 -14.33 -40.48
CA ARG D 236 -33.79 -12.95 -40.74
C ARG D 236 -34.11 -12.74 -42.21
N ASP D 237 -33.17 -13.11 -43.08
CA ASP D 237 -33.33 -12.94 -44.51
C ASP D 237 -34.46 -13.83 -45.05
N LYS D 238 -34.47 -15.08 -44.61
CA LYS D 238 -35.50 -16.05 -45.02
C LYS D 238 -36.93 -15.56 -44.78
N TYR D 239 -37.16 -14.90 -43.66
CA TYR D 239 -38.51 -14.47 -43.25
C TYR D 239 -38.72 -12.95 -43.29
N GLU D 240 -37.74 -12.21 -43.82
CA GLU D 240 -37.84 -10.76 -43.94
C GLU D 240 -38.24 -10.09 -42.61
N VAL D 241 -37.60 -10.53 -41.52
CA VAL D 241 -37.93 -10.05 -40.19
C VAL D 241 -37.56 -8.59 -40.05
N GLN D 242 -38.49 -7.78 -39.55
CA GLN D 242 -38.23 -6.38 -39.29
C GLN D 242 -37.60 -6.24 -37.92
N LEU D 243 -36.28 -6.07 -37.93
CA LEU D 243 -35.45 -6.18 -36.75
C LEU D 243 -35.29 -4.82 -36.05
N ILE D 244 -35.76 -4.73 -34.82
CA ILE D 244 -35.50 -3.55 -33.99
C ILE D 244 -34.50 -3.94 -32.90
N ALA D 245 -33.24 -3.59 -33.10
CA ALA D 245 -32.19 -3.89 -32.14
C ALA D 245 -31.08 -2.86 -32.22
N GLU D 246 -30.70 -2.34 -31.06
CA GLU D 246 -29.72 -1.28 -30.97
C GLU D 246 -29.17 -1.30 -29.53
N PRO D 247 -27.83 -1.23 -29.37
CA PRO D 247 -27.17 -1.59 -28.11
C PRO D 247 -27.33 -0.66 -26.88
N LEU D 248 -27.86 0.55 -27.05
CA LEU D 248 -27.82 1.53 -25.96
C LEU D 248 -28.77 2.72 -26.16
N GLY D 249 -28.66 3.35 -27.33
CA GLY D 249 -29.41 4.56 -27.68
C GLY D 249 -30.90 4.59 -27.36
N ILE D 250 -31.62 3.53 -27.72
CA ILE D 250 -33.08 3.50 -27.52
C ILE D 250 -33.41 3.47 -26.03
N GLY D 251 -32.68 2.64 -25.27
CA GLY D 251 -32.87 2.55 -23.83
C GLY D 251 -32.54 3.86 -23.14
N THR D 252 -31.41 4.46 -23.53
CA THR D 252 -30.96 5.73 -22.98
C THR D 252 -31.97 6.84 -23.21
N ALA D 253 -32.51 6.91 -24.43
CA ALA D 253 -33.55 7.88 -24.75
C ALA D 253 -34.80 7.66 -23.90
N SER D 254 -35.19 6.39 -23.71
CA SER D 254 -36.36 6.06 -22.90
C SER D 254 -36.20 6.49 -21.44
N MET D 255 -35.00 6.30 -20.89
CA MET D 255 -34.68 6.74 -19.53
C MET D 255 -34.87 8.25 -19.38
N LEU D 256 -34.28 8.99 -20.32
CA LEU D 256 -34.30 10.45 -20.28
C LEU D 256 -35.71 11.02 -20.36
N TYR D 257 -36.53 10.48 -21.25
CA TYR D 257 -37.91 10.95 -21.42
C TYR D 257 -38.83 10.50 -20.26
N SER D 258 -38.47 9.43 -19.56
CA SER D 258 -39.26 9.03 -18.39
C SER D 258 -39.06 9.98 -17.19
N VAL D 259 -37.94 10.69 -17.15
CA VAL D 259 -37.64 11.60 -16.03
C VAL D 259 -37.81 13.09 -16.37
N LEU D 260 -38.13 13.41 -17.62
CA LEU D 260 -38.30 14.81 -18.03
C LEU D 260 -39.58 15.42 -17.44
PA NAD E . 5.58 4.54 7.98
O1A NAD E . 4.25 5.21 8.18
O2A NAD E . 5.70 3.03 8.10
O5B NAD E . 6.62 5.21 9.01
C5B NAD E . 6.85 6.62 8.99
C4B NAD E . 7.19 7.03 10.41
O4B NAD E . 7.56 8.42 10.48
C3B NAD E . 6.01 6.85 11.36
O3B NAD E . 6.33 5.85 12.34
C2B NAD E . 5.79 8.21 11.99
O2B NAD E . 5.49 8.19 13.39
C1B NAD E . 7.13 8.90 11.75
N9A NAD E . 7.04 10.37 11.85
C8A NAD E . 6.10 11.20 11.35
N7A NAD E . 6.39 12.49 11.66
C5A NAD E . 7.52 12.48 12.40
C6A NAD E . 8.40 13.49 13.05
N6A NAD E . 8.09 14.80 13.00
N1A NAD E . 9.49 13.05 13.71
C2A NAD E . 9.82 11.75 13.77
N3A NAD E . 9.07 10.79 13.20
C4A NAD E . 7.94 11.09 12.51
O3 NAD E . 6.15 5.00 6.56
PN NAD E . 7.23 4.16 5.72
O1N NAD E . 6.48 3.12 4.91
O2N NAD E . 8.37 3.76 6.63
O5D NAD E . 7.76 5.26 4.66
C5D NAD E . 8.12 6.58 5.07
C4D NAD E . 8.26 7.46 3.84
O4D NAD E . 9.14 6.85 2.90
C3D NAD E . 6.94 7.69 3.12
O3D NAD E . 6.83 9.06 2.74
C2D NAD E . 7.04 6.84 1.86
O2D NAD E . 6.28 7.38 0.78
C1D NAD E . 8.54 6.92 1.60
N1N NAD E . 9.10 5.88 0.74
C2N NAD E . 9.94 6.27 -0.23
C3N NAD E . 10.56 5.37 -1.09
C7N NAD E . 11.51 5.85 -2.16
O7N NAD E . 11.85 5.07 -3.03
N7N NAD E . 11.98 7.11 -2.17
C4N NAD E . 10.27 4.02 -0.94
C5N NAD E . 9.39 3.61 0.08
C6N NAD E . 8.81 4.56 0.91
NA NA F . 10.16 13.62 4.82
MG MG G . 14.19 5.56 -4.12
O3 2YH H . 3.87 2.75 -4.07
C6 2YH H . 3.13 1.85 -3.69
C7 2YH H . 3.47 1.23 -2.36
N3 2YH H . 2.82 -0.08 -2.01
C8 2YH H . 3.19 2.27 -1.25
C9 2YH H . 4.37 2.35 -0.28
C10 2YH H . 4.91 0.97 0.15
N2 2YH H . 6.17 0.59 -0.54
N1 2YH H . 2.07 1.44 -4.45
C5 2YH H . 2.23 1.75 -5.88
C4 2YH H . 1.02 1.25 -6.66
C3 2YH H . 1.34 1.04 -8.14
C2 2YH H . 0.09 0.98 -9.00
N4 2YH H . -0.80 -0.16 -8.59
C1 2YH H . 0.47 0.87 -10.44
O2 2YH H . 0.60 1.86 -11.14
O1 2YH H . 0.70 -0.33 -10.97
C1 PEG I . -0.80 -10.61 -8.29
O1 PEG I . -0.62 -10.61 -9.72
C2 PEG I . -2.02 -9.76 -7.95
O2 PEG I . -2.54 -9.15 -9.13
C3 PEG I . -3.92 -8.78 -9.01
C4 PEG I . -4.01 -7.33 -8.56
O4 PEG I . -5.36 -6.83 -8.67
C1 PEG J . 13.54 -22.81 -7.56
O1 PEG J . 12.72 -22.11 -6.62
C2 PEG J . 12.81 -22.90 -8.89
O2 PEG J . 13.65 -22.49 -9.97
C3 PEG J . 12.88 -22.34 -11.17
C4 PEG J . 13.78 -22.26 -12.40
O4 PEG J . 13.02 -21.96 -13.57
C1 GOL K . 4.24 -6.21 -25.13
O1 GOL K . 3.24 -5.82 -24.18
C2 GOL K . 4.76 -7.60 -24.80
O2 GOL K . 5.85 -7.94 -25.66
C3 GOL K . 5.26 -7.65 -23.36
O3 GOL K . 4.33 -8.34 -22.53
C1 EDO L . 8.59 9.53 -16.09
O1 EDO L . 9.56 10.36 -16.76
C2 EDO L . 7.96 8.56 -17.06
O2 EDO L . 8.95 7.72 -17.67
C1 EDO M . 19.43 14.64 -4.44
O1 EDO M . 19.69 13.43 -5.15
C2 EDO M . 18.37 15.44 -5.19
O2 EDO M . 17.11 15.38 -4.50
PA NAD N . 32.48 -35.41 15.35
O1A NAD N . 33.49 -36.50 15.63
O2A NAD N . 31.09 -35.53 15.91
O5B NAD N . 32.40 -35.19 13.75
C5B NAD N . 33.54 -35.31 12.93
C4B NAD N . 33.12 -36.01 11.65
O4B NAD N . 34.08 -35.80 10.63
C3B NAD N . 32.98 -37.53 11.83
O3B NAD N . 31.65 -37.92 11.54
C2B NAD N . 33.97 -38.13 10.86
O2B NAD N . 33.48 -39.30 10.21
C1B NAD N . 34.19 -36.99 9.87
N9A NAD N . 35.49 -37.10 9.18
C8A NAD N . 36.70 -37.37 9.73
N7A NAD N . 37.65 -37.40 8.77
C5A NAD N . 37.05 -37.15 7.59
C6A NAD N . 37.47 -37.03 6.17
N6A NAD N . 38.76 -37.20 5.82
N1A NAD N . 36.52 -36.75 5.27
C2A NAD N . 35.21 -36.59 5.59
N3A NAD N . 34.77 -36.68 6.85
C4A NAD N . 35.62 -36.95 7.87
O3 NAD N . 33.18 -34.04 15.82
PN NAD N . 32.40 -32.65 15.95
O1N NAD N . 31.91 -32.48 17.36
O2N NAD N . 31.41 -32.51 14.81
O5D NAD N . 33.59 -31.58 15.72
C5D NAD N . 34.34 -31.57 14.49
C4D NAD N . 35.57 -30.67 14.62
O4D NAD N . 35.20 -29.35 15.03
C3D NAD N . 36.53 -31.16 15.69
O3D NAD N . 37.86 -30.88 15.24
C2D NAD N . 36.23 -30.32 16.90
O2D NAD N . 37.32 -30.21 17.81
C1D NAD N . 35.91 -29.00 16.23
N1N NAD N . 35.12 -28.03 17.01
C2N NAD N . 35.49 -26.75 16.89
C3N NAD N . 34.83 -25.72 17.57
C7N NAD N . 35.29 -24.29 17.39
O7N NAD N . 34.77 -23.38 18.03
N7N NAD N . 36.24 -23.96 16.51
C4N NAD N . 33.74 -26.06 18.36
C5N NAD N . 33.35 -27.40 18.47
C6N NAD N . 34.06 -28.38 17.78
NA NA O . 39.80 -30.05 10.02
MG MG P . 34.76 -20.82 16.85
O3 2YH Q . 35.49 -28.12 24.65
C6 2YH Q . 35.67 -29.13 25.30
C7 2YH Q . 34.99 -30.40 24.89
N3 2YH Q . 35.47 -30.83 23.54
C8 2YH Q . 33.47 -30.23 25.03
C9 2YH Q . 32.78 -29.74 23.77
C10 2YH Q . 32.04 -30.85 23.02
N2 2YH Q . 32.84 -32.08 22.69
N1 2YH Q . 36.52 -29.13 26.37
C5 2YH Q . 36.18 -28.08 27.33
C4 2YH Q . 36.86 -28.41 28.65
C3 2YH Q . 37.16 -27.16 29.47
C2 2YH Q . 37.79 -27.54 30.81
N4 2YH Q . 36.92 -28.48 31.57
C1 2YH Q . 38.02 -26.30 31.62
O2 2YH Q . 39.15 -25.60 31.46
O1 2YH Q . 37.18 -25.95 32.44
C1 GOL R . 40.69 -17.33 9.38
O1 GOL R . 39.61 -16.69 10.06
C2 GOL R . 41.98 -17.10 10.16
O2 GOL R . 42.49 -18.37 10.56
C3 GOL R . 43.02 -16.37 9.31
O3 GOL R . 42.43 -15.30 8.56
PA NAD S . -3.28 18.84 2.31
O1A NAD S . -2.17 17.89 1.93
O2A NAD S . -4.15 19.45 1.24
O5B NAD S . -2.66 20.04 3.18
C5B NAD S . -1.79 19.80 4.28
C4B NAD S . -0.64 20.82 4.24
O4B NAD S . 0.15 20.71 5.42
C3B NAD S . 0.32 20.62 3.07
O3B NAD S . 0.25 21.73 2.17
C2B NAD S . 1.69 20.50 3.69
O2B NAD S . 2.67 21.25 2.97
C1B NAD S . 1.47 21.08 5.08
N9A NAD S . 2.44 20.65 6.11
C8A NAD S . 2.86 19.41 6.42
N7A NAD S . 3.76 19.46 7.45
C5A NAD S . 3.91 20.75 7.81
C6A NAD S . 4.68 21.53 8.80
N6A NAD S . 5.53 20.94 9.68
N1A NAD S . 4.53 22.88 8.82
C2A NAD S . 3.71 23.52 7.97
N3A NAD S . 2.98 22.86 7.04
C4A NAD S . 3.03 21.52 6.92
O3 NAD S . -4.23 18.08 3.38
PN NAD S . -5.70 18.63 3.73
O1N NAD S . -6.66 18.08 2.72
O2N NAD S . -5.62 20.12 3.94
O5D NAD S . -6.01 17.92 5.14
C5D NAD S . -5.16 18.17 6.28
C4D NAD S . -5.49 17.20 7.39
O4D NAD S . -6.87 17.34 7.79
C3D NAD S . -5.32 15.74 6.98
O3D NAD S . -4.66 15.01 8.03
C2D NAD S . -6.73 15.21 6.81
O2D NAD S . -6.83 13.81 7.10
C1D NAD S . -7.47 16.05 7.84
N1N NAD S . -8.92 16.15 7.65
C2N NAD S . -9.68 16.01 8.75
C3N NAD S . -11.06 16.09 8.73
C7N NAD S . -11.86 15.94 10.01
O7N NAD S . -13.08 15.86 9.93
N7N NAD S . -11.25 15.89 11.19
C4N NAD S . -11.68 16.32 7.50
C5N NAD S . -10.89 16.45 6.36
C6N NAD S . -9.51 16.37 6.46
NA NA T . -1.67 17.21 12.72
MG MG U . -14.14 16.59 12.49
O3 2YH V . -12.49 10.54 3.10
C6 2YH V . -11.88 9.80 2.34
C7 2YH V . -10.38 9.82 2.20
N3 2YH V . -9.78 8.55 2.75
C8 2YH V . -9.73 11.03 2.89
C9 2YH V . -9.74 12.30 2.03
C10 2YH V . -11.11 13.00 1.97
N2 2YH V . -11.89 12.64 0.75
N1 2YH V . -12.61 8.91 1.57
C5 2YH V . -13.48 8.07 2.41
C4 2YH V . -14.10 7.01 1.53
C3 2YH V . -15.03 6.12 2.34
C2 2YH V . -15.46 4.88 1.58
N4 2YH V . -15.76 5.16 0.16
C1 2YH V . -16.67 4.28 2.27
O2 2YH V . -17.78 4.41 1.79
O1 2YH V . -16.52 3.60 3.40
PA NAD W . -31.34 -10.88 -17.23
O1A NAD W . -30.26 -11.86 -16.88
O2A NAD W . -32.02 -10.09 -16.13
O5B NAD W . -32.47 -11.65 -18.07
C5B NAD W . -32.11 -12.55 -19.13
C4B NAD W . -33.06 -13.74 -19.13
O4B NAD W . -32.94 -14.45 -20.37
C3B NAD W . -32.78 -14.75 -18.02
O3B NAD W . -33.92 -14.89 -17.17
C2B NAD W . -32.47 -16.05 -18.73
O2B NAD W . -33.05 -17.18 -18.08
C1B NAD W . -33.07 -15.84 -20.11
N9A NAD W . -32.48 -16.70 -21.17
C8A NAD W . -31.18 -16.99 -21.39
N7A NAD W . -31.07 -17.83 -22.46
C5A NAD W . -32.30 -18.08 -22.93
C6A NAD W . -32.91 -18.88 -24.02
N6A NAD W . -32.15 -19.60 -24.88
N1A NAD W . -34.26 -18.85 -24.15
C2A NAD W . -35.05 -18.13 -23.34
N3A NAD W . -34.56 -17.40 -22.32
C4A NAD W . -33.22 -17.33 -22.07
O3 NAD W . -30.74 -9.85 -18.32
PN NAD W . -31.46 -8.45 -18.66
O1N NAD W . -30.83 -7.36 -17.83
O2N NAD W . -32.96 -8.66 -18.60
O5D NAD W . -31.03 -8.21 -20.20
C5D NAD W . -31.26 -9.16 -21.24
C4D NAD W . -30.45 -8.76 -22.46
O4D NAD W . -30.73 -7.40 -22.80
C3D NAD W . -28.95 -8.86 -22.20
O3D NAD W . -28.29 -9.35 -23.37
C2D NAD W . -28.53 -7.42 -21.94
O2D NAD W . -27.16 -7.19 -22.29
C1D NAD W . -29.49 -6.66 -22.84
N1N NAD W . -29.70 -5.24 -22.49
C2N NAD W . -29.73 -4.38 -23.52
C3N NAD W . -29.92 -3.01 -23.35
C7N NAD W . -29.94 -2.07 -24.54
O7N NAD W . -30.30 -0.92 -24.39
N7N NAD W . -29.59 -2.52 -25.75
C4N NAD W . -30.09 -2.53 -22.05
C5N NAD W . -30.07 -3.43 -20.98
C6N NAD W . -29.87 -4.79 -21.23
NA NA X . -30.12 -12.03 -27.75
MG MG Y . -30.96 0.26 -27.08
O3 2YH Z . -24.00 -0.91 -18.36
C6 2YH Z . -23.77 -1.23 -17.21
C7 2YH Z . -24.59 -2.30 -16.55
N3 2YH Z . -24.77 -3.47 -17.45
C8 2YH Z . -25.92 -1.67 -16.09
C9 2YH Z . -26.97 -2.72 -15.75
C10 2YH Z . -28.02 -2.85 -16.86
N2 2YH Z . -28.57 -4.24 -16.92
N1 2YH Z . -22.75 -0.61 -16.50
C5 2YH Z . -21.67 -0.14 -17.38
C4 2YH Z . -20.57 0.51 -16.53
C3 2YH Z . -20.15 1.85 -17.15
C2 2YH Z . -18.80 2.30 -16.63
N4 2YH Z . -18.83 2.43 -15.15
C1 2YH Z . -18.45 3.62 -17.26
O2 2YH Z . -17.88 3.68 -18.35
O1 2YH Z . -18.77 4.74 -16.63
#